data_4S3O
#
_entry.id   4S3O
#
_cell.length_a   54.392
_cell.length_b   105.285
_cell.length_c   132.417
_cell.angle_alpha   90.00
_cell.angle_beta   90.00
_cell.angle_gamma   90.00
#
_symmetry.space_group_name_H-M   'P 21 21 21'
#
loop_
_entity.id
_entity.type
_entity.pdbx_description
1 polymer 'Ubiquitin-conjugating enzyme E2 D3'
2 polymer 'E3 ubiquitin-protein ligase RING2'
3 polymer 'Polycomb group RING finger protein 5'
4 non-polymer 'ZINC ION'
5 water water
#
loop_
_entity_poly.entity_id
_entity_poly.type
_entity_poly.pdbx_seq_one_letter_code
_entity_poly.pdbx_strand_id
1 'polypeptide(L)'
;GSALKRINKELSDLARDPPAQCSAGPVGDDMFHWQATIMGPNDSPYQGGVFFLTIHFPTDYPFKPPKVAFTTRIYHPNIN
SNGSICLDILRSQWSPALTISKVLLSICSLLCDPNPDDPLVPEIARIYKTDRDKYNRISREWTQKYAM
;
A,D
2 'polypeptide(L)'
;GSMSQAVQTNGTQPLSKTWELSLYELQRTPQEAITDGLEIVVSPRSLHSELMCPICLDMLKNTMTTKECLHRFCADCIIT
ALRSGNKECPTCRKKLVSKRSLRPDPNFDALISKIYPS
;
B,E
3 'polypeptide(L)'
;MATQRKHLVKDFNPYITCYICKGYLIKPTTVTECLHTFCKTCIVQHFEDSNDCPRCGNQVHETNPLEMLRLDNTLEEIIF
KLVPGLREQELERESEFWKKNKPQENGQDLEHHHHHH
;
C,F
#
# COMPACT_ATOMS: atom_id res chain seq x y z
N GLY A 1 -22.56 0.40 24.24
CA GLY A 1 -21.49 1.39 24.31
C GLY A 1 -20.22 0.84 24.92
N SER A 2 -20.00 -0.46 24.78
CA SER A 2 -18.88 -1.09 25.46
C SER A 2 -17.54 -0.65 24.86
N ALA A 3 -17.50 -0.45 23.55
CA ALA A 3 -16.26 -0.03 22.90
C ALA A 3 -15.82 1.34 23.37
N LEU A 4 -16.76 2.29 23.42
CA LEU A 4 -16.45 3.63 23.91
C LEU A 4 -15.93 3.60 25.35
N LYS A 5 -16.55 2.77 26.18
CA LYS A 5 -16.09 2.58 27.56
C LYS A 5 -14.63 2.12 27.55
N ARG A 6 -14.33 1.16 26.67
CA ARG A 6 -13.02 0.53 26.69
C ARG A 6 -11.96 1.52 26.26
N ILE A 7 -12.26 2.29 25.22
CA ILE A 7 -11.37 3.34 24.74
C ILE A 7 -11.11 4.41 25.81
N ASN A 8 -12.17 4.85 26.48
CA ASN A 8 -12.00 5.76 27.60
C ASN A 8 -11.13 5.21 28.73
N LYS A 9 -11.29 3.92 29.05
CA LYS A 9 -10.42 3.28 30.04
C LYS A 9 -8.95 3.35 29.62
N GLU A 10 -8.67 3.03 28.36
CA GLU A 10 -7.31 3.09 27.83
C GLU A 10 -6.69 4.47 27.94
N LEU A 11 -7.48 5.49 27.60
CA LEU A 11 -6.99 6.86 27.63
C LEU A 11 -6.49 7.20 29.04
N SER A 12 -7.29 6.88 30.05
CA SER A 12 -6.91 7.19 31.43
C SER A 12 -5.76 6.30 31.93
N ASP A 13 -5.68 5.07 31.41
CA ASP A 13 -4.56 4.19 31.76
C ASP A 13 -3.26 4.72 31.14
N LEU A 14 -3.35 5.31 29.96
CA LEU A 14 -2.20 5.94 29.31
C LEU A 14 -1.57 7.03 30.18
N ALA A 15 -2.40 7.81 30.86
CA ALA A 15 -1.93 8.85 31.75
C ALA A 15 -1.08 8.27 32.90
N ARG A 16 -1.48 7.09 33.36
CA ARG A 16 -0.82 6.47 34.50
C ARG A 16 0.42 5.68 34.09
N ASP A 17 0.38 5.12 32.89
CA ASP A 17 1.44 4.22 32.45
C ASP A 17 1.71 4.42 30.97
N PRO A 18 2.37 5.52 30.62
CA PRO A 18 2.55 5.86 29.21
C PRO A 18 3.66 5.03 28.56
N PRO A 19 3.48 4.66 27.29
CA PRO A 19 4.53 3.93 26.57
C PRO A 19 5.69 4.88 26.26
N ALA A 20 6.90 4.42 26.55
CA ALA A 20 8.09 5.24 26.38
C ALA A 20 8.22 5.75 24.94
N GLN A 21 8.50 7.04 24.81
CA GLN A 21 8.76 7.69 23.53
C GLN A 21 7.54 7.75 22.59
N CYS A 22 6.36 7.45 23.13
CA CYS A 22 5.12 7.51 22.37
C CYS A 22 4.06 8.31 23.09
N SER A 23 3.05 8.75 22.33
CA SER A 23 1.86 9.35 22.91
C SER A 23 0.71 9.18 21.92
N ALA A 24 -0.51 9.25 22.42
CA ALA A 24 -1.70 9.09 21.60
C ALA A 24 -2.93 9.66 22.31
N GLY A 25 -3.94 10.06 21.55
CA GLY A 25 -5.19 10.50 22.12
C GLY A 25 -6.14 10.95 21.03
N PRO A 26 -7.41 11.22 21.39
CA PRO A 26 -8.43 11.53 20.40
C PRO A 26 -8.10 12.82 19.65
N VAL A 27 -8.50 12.87 18.39
CA VAL A 27 -8.18 14.01 17.54
C VAL A 27 -9.05 15.20 17.92
N GLY A 28 -10.35 14.96 18.02
CA GLY A 28 -11.26 16.03 18.39
C GLY A 28 -12.31 15.53 19.35
N ASP A 29 -13.56 15.62 18.92
CA ASP A 29 -14.72 15.17 19.69
C ASP A 29 -15.00 13.68 19.51
N ASP A 30 -14.32 13.04 18.57
CA ASP A 30 -14.58 11.64 18.26
C ASP A 30 -13.59 10.71 18.95
N MET A 31 -14.07 9.99 19.95
CA MET A 31 -13.21 9.09 20.70
C MET A 31 -12.72 7.89 19.88
N PHE A 32 -13.35 7.62 18.74
CA PHE A 32 -12.94 6.48 17.90
C PHE A 32 -11.85 6.83 16.88
N HIS A 33 -11.49 8.10 16.79
CA HIS A 33 -10.41 8.55 15.91
CA HIS A 33 -10.41 8.54 15.92
C HIS A 33 -9.33 9.22 16.75
N TRP A 34 -8.14 8.62 16.79
CA TRP A 34 -7.02 9.15 17.56
C TRP A 34 -5.84 9.49 16.67
N GLN A 35 -4.95 10.30 17.20
CA GLN A 35 -3.65 10.55 16.60
C GLN A 35 -2.60 10.02 17.57
N ALA A 36 -1.49 9.52 17.03
CA ALA A 36 -0.36 9.13 17.86
C ALA A 36 0.96 9.72 17.35
N THR A 37 1.93 9.75 18.24
CA THR A 37 3.26 10.24 17.94
C THR A 37 4.27 9.22 18.40
N ILE A 38 5.24 8.91 17.53
CA ILE A 38 6.35 8.03 17.88
C ILE A 38 7.67 8.75 17.61
N MET A 39 8.53 8.81 18.61
CA MET A 39 9.85 9.33 18.39
C MET A 39 10.72 8.18 17.87
N GLY A 40 11.50 8.46 16.83
CA GLY A 40 12.40 7.46 16.28
C GLY A 40 13.30 6.91 17.36
N PRO A 41 13.28 5.58 17.55
CA PRO A 41 14.04 4.98 18.66
C PRO A 41 15.53 5.20 18.54
N ASN A 42 16.22 5.28 19.67
CA ASN A 42 17.68 5.32 19.68
C ASN A 42 18.21 3.95 19.28
N ASP A 43 19.43 3.91 18.76
CA ASP A 43 19.96 2.71 18.11
C ASP A 43 18.95 2.25 17.06
N SER A 44 18.63 3.18 16.17
CA SER A 44 17.82 2.91 15.00
C SER A 44 18.08 4.11 14.11
N PRO A 45 18.01 3.92 12.78
CA PRO A 45 18.37 5.05 11.92
C PRO A 45 17.25 6.09 11.82
N TYR A 46 16.16 5.90 12.54
CA TYR A 46 15.07 6.89 12.60
C TYR A 46 15.22 7.80 13.81
N GLN A 47 16.34 7.66 14.53
CA GLN A 47 16.61 8.48 15.71
C GLN A 47 16.60 9.97 15.35
N GLY A 48 15.97 10.78 16.19
CA GLY A 48 15.84 12.19 15.92
C GLY A 48 14.50 12.54 15.30
N GLY A 49 13.86 11.56 14.68
CA GLY A 49 12.61 11.81 13.96
C GLY A 49 11.38 11.80 14.85
N VAL A 50 10.32 12.46 14.38
CA VAL A 50 9.03 12.37 15.03
C VAL A 50 7.99 11.93 14.01
N PHE A 51 7.37 10.80 14.27
CA PHE A 51 6.46 10.21 13.30
C PHE A 51 5.03 10.24 13.81
N PHE A 52 4.15 10.82 13.00
CA PHE A 52 2.72 10.86 13.33
C PHE A 52 1.98 9.66 12.73
N LEU A 53 0.98 9.20 13.47
CA LEU A 53 0.13 8.09 13.04
C LEU A 53 -1.35 8.43 13.28
N THR A 54 -2.23 7.79 12.53
CA THR A 54 -3.67 7.92 12.78
C THR A 54 -4.19 6.56 13.22
N ILE A 55 -5.15 6.58 14.15
CA ILE A 55 -5.71 5.36 14.71
C ILE A 55 -7.23 5.42 14.64
N HIS A 56 -7.85 4.40 14.06
N HIS A 56 -7.86 4.39 14.06
CA HIS A 56 -9.30 4.31 14.03
CA HIS A 56 -9.32 4.30 14.00
C HIS A 56 -9.75 3.02 14.70
C HIS A 56 -9.80 3.02 14.66
N PHE A 57 -10.53 3.15 15.76
CA PHE A 57 -11.05 1.97 16.47
C PHE A 57 -12.32 1.50 15.81
N PRO A 58 -12.46 0.18 15.59
CA PRO A 58 -13.71 -0.35 15.03
C PRO A 58 -14.86 -0.27 16.06
N THR A 59 -16.09 -0.41 15.61
CA THR A 59 -17.24 -0.31 16.51
C THR A 59 -17.29 -1.42 17.56
N ASP A 60 -16.67 -2.57 17.26
CA ASP A 60 -16.62 -3.67 18.23
C ASP A 60 -15.23 -3.88 18.88
N TYR A 61 -14.45 -2.80 18.93
CA TYR A 61 -13.22 -2.79 19.70
C TYR A 61 -13.59 -3.17 21.13
N PRO A 62 -12.76 -4.01 21.80
CA PRO A 62 -11.44 -4.51 21.44
C PRO A 62 -11.44 -5.89 20.77
N PHE A 63 -12.58 -6.34 20.26
CA PHE A 63 -12.65 -7.68 19.68
C PHE A 63 -12.13 -7.74 18.24
N LYS A 64 -11.90 -6.57 17.64
CA LYS A 64 -11.24 -6.46 16.34
C LYS A 64 -10.17 -5.40 16.51
N PRO A 65 -9.06 -5.52 15.76
CA PRO A 65 -7.93 -4.60 15.99
C PRO A 65 -8.26 -3.15 15.58
N PRO A 66 -7.52 -2.17 16.11
CA PRO A 66 -7.64 -0.82 15.56
C PRO A 66 -6.89 -0.74 14.24
N LYS A 67 -7.26 0.23 13.39
CA LYS A 67 -6.53 0.47 12.17
C LYS A 67 -5.47 1.51 12.50
N VAL A 68 -4.22 1.16 12.25
CA VAL A 68 -3.12 2.06 12.62
C VAL A 68 -2.22 2.30 11.42
N ALA A 69 -2.04 3.56 11.03
CA ALA A 69 -1.22 3.91 9.88
C ALA A 69 -0.31 5.12 10.15
N PHE A 70 0.84 5.15 9.51
CA PHE A 70 1.70 6.34 9.56
C PHE A 70 1.13 7.43 8.64
N THR A 71 1.15 8.68 9.10
CA THR A 71 0.93 9.81 8.20
C THR A 71 2.26 10.45 7.79
N THR A 72 3.27 10.29 8.62
CA THR A 72 4.62 10.74 8.28
C THR A 72 5.31 9.72 7.37
N ARG A 73 5.86 10.18 6.25
CA ARG A 73 6.59 9.28 5.34
C ARG A 73 7.75 8.60 6.07
N ILE A 74 7.94 7.31 5.82
CA ILE A 74 9.04 6.60 6.45
C ILE A 74 9.57 5.48 5.55
N TYR A 75 10.89 5.26 5.58
CA TYR A 75 11.56 4.23 4.77
C TYR A 75 11.76 2.99 5.64
N HIS A 76 11.02 1.93 5.33
CA HIS A 76 11.00 0.75 6.19
C HIS A 76 10.34 -0.39 5.42
N PRO A 77 10.90 -1.61 5.53
CA PRO A 77 10.40 -2.71 4.70
C PRO A 77 8.98 -3.17 5.05
N ASN A 78 8.51 -2.87 6.26
CA ASN A 78 7.17 -3.27 6.70
C ASN A 78 6.13 -2.16 6.71
N ILE A 79 6.46 -1.02 6.11
CA ILE A 79 5.54 0.12 6.05
C ILE A 79 5.49 0.66 4.63
N ASN A 80 4.31 0.69 4.00
CA ASN A 80 4.26 1.15 2.60
C ASN A 80 4.09 2.67 2.42
N SER A 81 3.95 3.10 1.18
CA SER A 81 3.87 4.52 0.88
C SER A 81 2.56 5.14 1.34
N ASN A 82 1.52 4.33 1.58
CA ASN A 82 0.26 4.83 2.12
C ASN A 82 0.29 4.88 3.64
N GLY A 83 1.38 4.39 4.22
CA GLY A 83 1.55 4.37 5.67
C GLY A 83 0.97 3.14 6.36
N SER A 84 0.47 2.17 5.59
CA SER A 84 -0.02 0.93 6.21
C SER A 84 1.16 0.16 6.81
N ILE A 85 0.87 -0.60 7.86
CA ILE A 85 1.91 -1.30 8.61
C ILE A 85 1.65 -2.80 8.58
N CYS A 86 2.63 -3.58 8.14
CA CYS A 86 2.49 -5.03 8.17
C CYS A 86 3.07 -5.51 9.50
N LEU A 87 2.17 -5.80 10.42
CA LEU A 87 2.52 -6.20 11.78
C LEU A 87 1.42 -7.19 12.20
N ASP A 88 1.84 -8.39 12.59
N ASP A 88 1.81 -8.40 12.59
CA ASP A 88 0.92 -9.49 12.87
CA ASP A 88 0.84 -9.47 12.80
C ASP A 88 -0.24 -9.16 13.82
C ASP A 88 -0.26 -9.19 13.84
N ILE A 89 0.07 -8.50 14.94
CA ILE A 89 -0.96 -8.19 15.94
C ILE A 89 -1.99 -7.20 15.40
N LEU A 90 -1.67 -6.52 14.32
CA LEU A 90 -2.65 -5.63 13.70
C LEU A 90 -3.51 -6.39 12.71
N ARG A 91 -3.19 -7.68 12.54
CA ARG A 91 -3.91 -8.54 11.60
C ARG A 91 -4.43 -9.81 12.30
N SER A 92 -3.93 -10.97 11.87
CA SER A 92 -4.38 -12.26 12.39
C SER A 92 -4.07 -12.48 13.86
N GLN A 93 -3.01 -11.86 14.35
CA GLN A 93 -2.55 -12.08 15.71
C GLN A 93 -3.11 -11.10 16.73
N TRP A 94 -4.12 -10.33 16.36
CA TRP A 94 -4.75 -9.44 17.33
C TRP A 94 -5.33 -10.26 18.49
N SER A 95 -5.32 -9.65 19.67
CA SER A 95 -5.97 -10.23 20.85
C SER A 95 -6.73 -9.12 21.59
N PRO A 96 -7.94 -9.43 22.07
CA PRO A 96 -8.76 -8.40 22.73
C PRO A 96 -8.16 -7.93 24.06
N ALA A 97 -7.08 -8.56 24.51
CA ALA A 97 -6.34 -8.08 25.70
C ALA A 97 -5.27 -7.04 25.32
N LEU A 98 -5.06 -6.81 24.03
CA LEU A 98 -4.07 -5.80 23.62
C LEU A 98 -4.64 -4.39 23.74
N THR A 99 -3.78 -3.39 23.69
CA THR A 99 -4.20 -2.00 23.83
C THR A 99 -3.38 -1.14 22.88
N ILE A 100 -3.76 0.13 22.75
CA ILE A 100 -2.99 1.02 21.89
C ILE A 100 -1.55 1.12 22.38
N SER A 101 -1.38 1.17 23.70
CA SER A 101 -0.05 1.24 24.31
C SER A 101 0.88 0.11 23.85
N LYS A 102 0.39 -1.13 23.95
CA LYS A 102 1.09 -2.31 23.45
C LYS A 102 1.35 -2.26 21.96
N VAL A 103 0.37 -1.75 21.20
CA VAL A 103 0.53 -1.61 19.76
C VAL A 103 1.67 -0.65 19.40
N LEU A 104 1.67 0.53 20.00
CA LEU A 104 2.73 1.51 19.75
C LEU A 104 4.12 0.99 20.13
N LEU A 105 4.22 0.31 21.27
CA LEU A 105 5.48 -0.28 21.69
C LEU A 105 5.95 -1.32 20.69
N SER A 106 5.01 -2.08 20.13
CA SER A 106 5.36 -3.10 19.16
C SER A 106 5.82 -2.46 17.86
N ILE A 107 5.23 -1.32 17.53
CA ILE A 107 5.66 -0.57 16.33
C ILE A 107 7.04 0.02 16.53
N CYS A 108 7.34 0.49 17.73
CA CYS A 108 8.70 0.95 18.04
C CYS A 108 9.68 -0.18 17.82
N SER A 109 9.36 -1.34 18.38
CA SER A 109 10.22 -2.51 18.26
C SER A 109 10.47 -2.87 16.79
N LEU A 110 9.42 -2.73 15.99
CA LEU A 110 9.49 -2.98 14.55
C LEU A 110 10.41 -1.97 13.84
N LEU A 111 10.44 -0.73 14.34
CA LEU A 111 11.36 0.27 13.79
C LEU A 111 12.81 -0.07 14.14
N CYS A 112 13.04 -0.64 15.32
CA CYS A 112 14.40 -1.03 15.70
C CYS A 112 14.85 -2.27 14.96
N ASP A 113 13.92 -3.19 14.77
CA ASP A 113 14.21 -4.50 14.19
C ASP A 113 13.14 -4.87 13.17
N PRO A 114 13.30 -4.44 11.92
CA PRO A 114 12.34 -4.76 10.86
C PRO A 114 12.22 -6.25 10.62
N ASN A 115 11.13 -6.65 9.98
CA ASN A 115 10.93 -8.05 9.59
CA ASN A 115 10.93 -8.05 9.60
C ASN A 115 10.96 -8.20 8.07
N PRO A 116 12.17 -8.32 7.49
CA PRO A 116 12.32 -8.36 6.03
C PRO A 116 11.75 -9.63 5.38
N ASP A 117 11.47 -10.66 6.16
CA ASP A 117 10.83 -11.86 5.62
C ASP A 117 9.30 -11.77 5.63
N ASP A 118 8.76 -10.70 6.20
CA ASP A 118 7.33 -10.39 6.10
C ASP A 118 7.14 -8.97 5.53
N PRO A 119 7.62 -8.75 4.29
CA PRO A 119 7.76 -7.38 3.82
C PRO A 119 6.51 -6.79 3.17
N LEU A 120 6.33 -5.48 3.27
CA LEU A 120 5.34 -4.78 2.48
C LEU A 120 6.00 -4.14 1.26
N VAL A 121 7.29 -3.78 1.40
CA VAL A 121 8.04 -3.14 0.33
C VAL A 121 9.27 -4.00 0.01
N PRO A 122 9.12 -4.96 -0.91
CA PRO A 122 10.16 -5.94 -1.23
C PRO A 122 11.53 -5.32 -1.54
N GLU A 123 11.55 -4.17 -2.20
CA GLU A 123 12.81 -3.55 -2.57
C GLU A 123 13.60 -3.12 -1.33
N ILE A 124 12.89 -2.55 -0.35
CA ILE A 124 13.52 -2.13 0.90
C ILE A 124 13.99 -3.35 1.70
N ALA A 125 13.15 -4.38 1.73
CA ALA A 125 13.50 -5.66 2.34
C ALA A 125 14.84 -6.20 1.79
N ARG A 126 15.00 -6.15 0.47
CA ARG A 126 16.23 -6.62 -0.17
C ARG A 126 17.45 -5.82 0.28
N ILE A 127 17.30 -4.50 0.30
CA ILE A 127 18.37 -3.62 0.76
C ILE A 127 18.71 -3.89 2.22
N TYR A 128 17.68 -4.04 3.05
CA TYR A 128 17.88 -4.34 4.47
C TYR A 128 18.71 -5.62 4.65
N LYS A 129 18.44 -6.63 3.82
CA LYS A 129 19.08 -7.93 3.98
C LYS A 129 20.52 -7.97 3.45
N THR A 130 20.78 -7.21 2.38
CA THR A 130 22.05 -7.34 1.67
C THR A 130 22.96 -6.12 1.77
N ASP A 131 22.42 -5.02 2.27
CA ASP A 131 23.18 -3.79 2.26
C ASP A 131 22.76 -2.90 3.41
N ARG A 132 23.01 -3.37 4.64
CA ARG A 132 22.45 -2.72 5.82
C ARG A 132 22.89 -1.26 5.94
N ASP A 133 24.15 -0.98 5.59
CA ASP A 133 24.67 0.39 5.69
C ASP A 133 23.95 1.35 4.74
N LYS A 134 23.58 0.89 3.56
CA LYS A 134 22.74 1.67 2.66
C LYS A 134 21.33 1.87 3.25
N TYR A 135 20.77 0.80 3.80
CA TYR A 135 19.46 0.88 4.43
C TYR A 135 19.46 1.93 5.53
N ASN A 136 20.47 1.86 6.38
CA ASN A 136 20.63 2.80 7.48
C ASN A 136 20.73 4.24 6.99
N ARG A 137 21.58 4.48 6.01
CA ARG A 137 21.78 5.83 5.50
C ARG A 137 20.52 6.40 4.84
N ILE A 138 19.79 5.55 4.11
CA ILE A 138 18.56 6.03 3.46
C ILE A 138 17.46 6.29 4.49
N SER A 139 17.31 5.39 5.45
CA SER A 139 16.40 5.61 6.56
C SER A 139 16.73 6.90 7.31
N ARG A 140 18.02 7.13 7.49
CA ARG A 140 18.50 8.31 8.20
C ARG A 140 18.18 9.57 7.39
N GLU A 141 18.28 9.43 6.08
CA GLU A 141 18.02 10.55 5.17
C GLU A 141 16.54 10.93 5.18
N TRP A 142 15.67 9.92 5.08
CA TRP A 142 14.23 10.13 5.09
C TRP A 142 13.77 10.73 6.41
N THR A 143 14.35 10.25 7.50
CA THR A 143 14.10 10.82 8.82
C THR A 143 14.39 12.32 8.80
N GLN A 144 15.57 12.69 8.29
CA GLN A 144 15.95 14.09 8.19
C GLN A 144 14.99 14.90 7.31
N LYS A 145 14.54 14.32 6.20
CA LYS A 145 13.71 15.04 5.24
C LYS A 145 12.22 15.19 5.61
N TYR A 146 11.62 14.14 6.18
CA TYR A 146 10.17 14.12 6.38
C TYR A 146 9.71 14.06 7.83
N ALA A 147 10.61 13.67 8.74
CA ALA A 147 10.24 13.42 10.12
C ALA A 147 10.87 14.43 11.07
N MET A 148 11.57 15.39 10.48
CA MET A 148 12.16 16.49 11.22
C MET A 148 11.87 17.75 10.41
N GLY B 1 24.42 3.82 -23.73
CA GLY B 1 23.28 3.54 -22.88
C GLY B 1 22.02 4.19 -23.42
N SER B 2 21.39 3.53 -24.39
CA SER B 2 20.24 4.13 -25.06
C SER B 2 18.99 4.13 -24.17
N ALA B 3 18.79 3.04 -23.42
CA ALA B 3 17.66 2.94 -22.50
C ALA B 3 17.74 4.05 -21.46
N LEU B 4 18.93 4.23 -20.88
CA LEU B 4 19.13 5.25 -19.86
C LEU B 4 18.89 6.66 -20.43
N LYS B 5 19.39 6.89 -21.65
CA LYS B 5 19.15 8.15 -22.33
C LYS B 5 17.65 8.39 -22.53
N ARG B 6 16.93 7.36 -22.96
CA ARG B 6 15.49 7.50 -23.20
C ARG B 6 14.76 7.81 -21.90
N ILE B 7 15.10 7.10 -20.83
CA ILE B 7 14.49 7.28 -19.52
C ILE B 7 14.68 8.72 -19.01
N ASN B 8 15.90 9.23 -19.15
CA ASN B 8 16.21 10.61 -18.77
C ASN B 8 15.39 11.67 -19.53
N LYS B 9 15.28 11.51 -20.84
CA LYS B 9 14.41 12.37 -21.65
C LYS B 9 12.98 12.37 -21.12
N GLU B 10 12.43 11.19 -20.85
CA GLU B 10 11.08 11.06 -20.28
C GLU B 10 10.95 11.87 -18.99
N LEU B 11 11.94 11.75 -18.13
CA LEU B 11 11.96 12.50 -16.88
C LEU B 11 11.87 13.99 -17.16
N SER B 12 12.63 14.48 -18.14
CA SER B 12 12.60 15.89 -18.47
C SER B 12 11.24 16.27 -19.04
N ASP B 13 10.67 15.39 -19.85
CA ASP B 13 9.36 15.65 -20.46
C ASP B 13 8.27 15.75 -19.40
N LEU B 14 8.38 14.91 -18.38
CA LEU B 14 7.41 14.86 -17.29
C LEU B 14 7.47 16.14 -16.47
N ALA B 15 8.68 16.67 -16.29
CA ALA B 15 8.84 17.92 -15.55
C ALA B 15 8.18 19.08 -16.30
N ARG B 16 8.20 19.00 -17.63
CA ARG B 16 7.66 20.07 -18.46
C ARG B 16 6.15 19.90 -18.68
N ASP B 17 5.72 18.66 -18.89
CA ASP B 17 4.33 18.40 -19.20
C ASP B 17 3.81 17.21 -18.40
N PRO B 18 3.54 17.41 -17.11
CA PRO B 18 3.10 16.30 -16.25
C PRO B 18 1.70 15.81 -16.63
N PRO B 19 1.49 14.49 -16.59
CA PRO B 19 0.16 13.95 -16.82
C PRO B 19 -0.79 14.37 -15.69
N ALA B 20 -2.02 14.75 -16.03
CA ALA B 20 -2.97 15.19 -15.02
C ALA B 20 -3.20 14.13 -13.94
N GLN B 21 -3.13 14.56 -12.67
CA GLN B 21 -3.41 13.72 -11.51
C GLN B 21 -2.43 12.56 -11.30
N CYS B 22 -1.26 12.64 -11.93
CA CYS B 22 -0.26 11.57 -11.83
C CYS B 22 1.12 12.16 -11.70
N SER B 23 2.01 11.42 -11.05
CA SER B 23 3.42 11.79 -11.00
C SER B 23 4.26 10.52 -11.01
N ALA B 24 5.53 10.66 -11.38
CA ALA B 24 6.42 9.49 -11.40
C ALA B 24 7.86 9.95 -11.38
N GLY B 25 8.74 9.12 -10.84
CA GLY B 25 10.16 9.40 -10.88
C GLY B 25 10.93 8.33 -10.11
N PRO B 26 12.26 8.33 -10.22
CA PRO B 26 13.12 7.30 -9.62
C PRO B 26 13.01 7.18 -8.11
N VAL B 27 13.09 5.95 -7.63
CA VAL B 27 13.21 5.72 -6.20
C VAL B 27 14.68 5.67 -5.85
N GLY B 28 15.12 6.62 -5.04
CA GLY B 28 16.49 6.67 -4.58
C GLY B 28 17.59 6.48 -5.63
N ASP B 29 17.54 7.27 -6.69
CA ASP B 29 18.66 7.35 -7.64
C ASP B 29 18.98 6.04 -8.37
N ASP B 30 17.95 5.23 -8.60
CA ASP B 30 18.05 4.10 -9.52
C ASP B 30 17.15 4.42 -10.69
N MET B 31 17.75 4.80 -11.81
CA MET B 31 16.95 5.30 -12.93
C MET B 31 16.05 4.23 -13.53
N PHE B 32 16.37 2.97 -13.30
CA PHE B 32 15.59 1.89 -13.88
C PHE B 32 14.48 1.40 -12.96
N HIS B 33 14.39 2.01 -11.78
CA HIS B 33 13.30 1.72 -10.85
CA HIS B 33 13.31 1.70 -10.86
C HIS B 33 12.60 2.99 -10.39
N TRP B 34 11.36 3.18 -10.83
CA TRP B 34 10.57 4.35 -10.47
C TRP B 34 9.39 4.04 -9.58
N GLN B 35 8.91 5.05 -8.87
CA GLN B 35 7.61 4.99 -8.21
C GLN B 35 6.69 5.96 -8.93
N ALA B 36 5.42 5.60 -9.05
CA ALA B 36 4.41 6.53 -9.54
C ALA B 36 3.28 6.69 -8.55
N THR B 37 2.58 7.81 -8.66
CA THR B 37 1.40 8.06 -7.87
C THR B 37 0.26 8.41 -8.80
N ILE B 38 -0.90 7.78 -8.60
CA ILE B 38 -2.11 8.17 -9.29
C ILE B 38 -3.16 8.58 -8.28
N MET B 39 -3.66 9.79 -8.42
CA MET B 39 -4.79 10.23 -7.62
C MET B 39 -6.03 9.60 -8.22
N GLY B 40 -6.88 9.03 -7.37
CA GLY B 40 -8.15 8.45 -7.81
C GLY B 40 -8.95 9.40 -8.68
N PRO B 41 -9.32 8.97 -9.90
CA PRO B 41 -10.06 9.84 -10.81
C PRO B 41 -11.40 10.27 -10.23
N ASN B 42 -11.72 11.54 -10.43
CA ASN B 42 -12.93 12.14 -9.87
C ASN B 42 -14.23 11.41 -10.24
N ASP B 43 -14.30 10.93 -11.47
CA ASP B 43 -15.52 10.29 -11.96
C ASP B 43 -15.77 8.96 -11.25
N SER B 44 -14.68 8.34 -10.80
CA SER B 44 -14.67 6.95 -10.34
C SER B 44 -14.94 6.79 -8.84
N PRO B 45 -15.19 5.54 -8.40
CA PRO B 45 -15.27 5.26 -6.96
C PRO B 45 -13.93 5.27 -6.23
N TYR B 46 -12.83 5.60 -6.92
CA TYR B 46 -11.51 5.70 -6.29
C TYR B 46 -11.17 7.14 -5.91
N GLN B 47 -12.12 8.03 -6.15
CA GLN B 47 -11.99 9.46 -5.82
C GLN B 47 -11.48 9.67 -4.39
N GLY B 48 -10.45 10.50 -4.25
CA GLY B 48 -9.87 10.80 -2.95
C GLY B 48 -8.69 9.89 -2.61
N GLY B 49 -8.58 8.79 -3.33
CA GLY B 49 -7.51 7.83 -3.08
C GLY B 49 -6.15 8.29 -3.60
N VAL B 50 -5.09 7.83 -2.94
CA VAL B 50 -3.75 8.02 -3.44
C VAL B 50 -3.17 6.64 -3.70
N PHE B 51 -2.84 6.36 -4.95
CA PHE B 51 -2.44 5.02 -5.36
C PHE B 51 -1.02 5.00 -5.87
N PHE B 52 -0.21 4.15 -5.26
CA PHE B 52 1.21 4.07 -5.58
C PHE B 52 1.51 2.88 -6.47
N LEU B 53 2.43 3.09 -7.41
CA LEU B 53 2.82 2.02 -8.31
C LEU B 53 4.33 1.89 -8.34
N THR B 54 4.82 0.72 -8.71
CA THR B 54 6.24 0.53 -8.91
C THR B 54 6.47 0.31 -10.41
N ILE B 55 7.57 0.84 -10.94
CA ILE B 55 7.88 0.72 -12.36
C ILE B 55 9.30 0.18 -12.50
N HIS B 56 9.47 -0.89 -13.27
N HIS B 56 9.48 -0.92 -13.24
CA HIS B 56 10.82 -1.40 -13.56
CA HIS B 56 10.82 -1.42 -13.57
C HIS B 56 11.06 -1.43 -15.06
C HIS B 56 11.01 -1.37 -15.08
N PHE B 57 12.03 -0.65 -15.52
CA PHE B 57 12.35 -0.56 -16.94
C PHE B 57 13.32 -1.67 -17.32
N PRO B 58 13.12 -2.28 -18.49
CA PRO B 58 14.08 -3.32 -18.90
C PRO B 58 15.29 -2.69 -19.57
N THR B 59 16.36 -3.47 -19.72
CA THR B 59 17.58 -2.93 -20.29
C THR B 59 17.43 -2.47 -21.73
N ASP B 60 16.46 -3.03 -22.46
CA ASP B 60 16.23 -2.63 -23.85
C ASP B 60 14.98 -1.75 -24.05
N TYR B 61 14.56 -1.09 -22.98
CA TYR B 61 13.53 -0.06 -23.07
C TYR B 61 14.01 0.96 -24.10
N PRO B 62 13.10 1.49 -24.93
CA PRO B 62 11.65 1.32 -24.89
C PRO B 62 11.14 0.23 -25.84
N PHE B 63 12.01 -0.71 -26.24
CA PHE B 63 11.60 -1.74 -27.19
C PHE B 63 10.92 -2.95 -26.51
N LYS B 64 10.94 -2.95 -25.18
CA LYS B 64 10.20 -3.92 -24.40
C LYS B 64 9.49 -3.08 -23.35
N PRO B 65 8.32 -3.54 -22.89
CA PRO B 65 7.57 -2.65 -22.00
C PRO B 65 8.19 -2.62 -20.61
N PRO B 66 7.90 -1.56 -19.85
CA PRO B 66 8.29 -1.56 -18.45
C PRO B 66 7.33 -2.45 -17.65
N LYS B 67 7.76 -2.95 -16.49
CA LYS B 67 6.85 -3.69 -15.63
C LYS B 67 6.24 -2.69 -14.65
N VAL B 68 4.91 -2.62 -14.65
CA VAL B 68 4.18 -1.63 -13.86
C VAL B 68 3.16 -2.36 -12.99
N ALA B 69 3.26 -2.16 -11.69
CA ALA B 69 2.28 -2.78 -10.79
C ALA B 69 1.84 -1.87 -9.64
N PHE B 70 0.62 -2.06 -9.15
CA PHE B 70 0.14 -1.28 -8.01
C PHE B 70 0.80 -1.79 -6.72
N THR B 71 1.20 -0.88 -5.84
CA THR B 71 1.63 -1.28 -4.51
C THR B 71 0.52 -1.00 -3.49
N THR B 72 -0.39 -0.11 -3.88
CA THR B 72 -1.61 0.13 -3.09
C THR B 72 -2.69 -0.86 -3.50
N ARG B 73 -3.23 -1.58 -2.51
CA ARG B 73 -4.31 -2.53 -2.79
C ARG B 73 -5.54 -1.80 -3.32
N ILE B 74 -6.20 -2.38 -4.32
CA ILE B 74 -7.34 -1.71 -4.96
C ILE B 74 -8.37 -2.73 -5.45
N TYR B 75 -9.64 -2.36 -5.32
CA TYR B 75 -10.74 -3.25 -5.68
C TYR B 75 -11.12 -2.97 -7.13
N HIS B 76 -10.71 -3.85 -8.03
CA HIS B 76 -10.84 -3.59 -9.45
C HIS B 76 -10.73 -4.92 -10.20
N PRO B 77 -11.59 -5.14 -11.20
CA PRO B 77 -11.59 -6.43 -11.89
C PRO B 77 -10.33 -6.70 -12.71
N ASN B 78 -9.55 -5.66 -13.01
CA ASN B 78 -8.36 -5.80 -13.86
C ASN B 78 -7.03 -5.65 -13.11
N ILE B 79 -7.10 -5.57 -11.79
CA ILE B 79 -5.92 -5.46 -10.94
C ILE B 79 -6.02 -6.47 -9.81
N ASN B 80 -5.07 -7.40 -9.72
CA ASN B 80 -5.16 -8.41 -8.67
C ASN B 80 -4.40 -8.06 -7.39
N SER B 81 -4.39 -9.00 -6.46
CA SER B 81 -3.80 -8.84 -5.14
C SER B 81 -2.27 -8.71 -5.18
N ASN B 82 -1.67 -9.12 -6.29
CA ASN B 82 -0.23 -8.92 -6.49
C ASN B 82 0.04 -7.52 -7.03
N GLY B 83 -1.03 -6.82 -7.42
CA GLY B 83 -0.90 -5.48 -8.00
C GLY B 83 -0.65 -5.53 -9.51
N SER B 84 -0.64 -6.74 -10.05
CA SER B 84 -0.55 -6.95 -11.49
C SER B 84 -1.74 -6.29 -12.22
N ILE B 85 -1.46 -5.64 -13.36
CA ILE B 85 -2.48 -4.91 -14.12
C ILE B 85 -2.75 -5.56 -15.48
N CYS B 86 -4.01 -5.89 -15.75
CA CYS B 86 -4.39 -6.38 -17.07
C CYS B 86 -4.68 -5.20 -17.99
N LEU B 87 -3.69 -4.82 -18.79
CA LEU B 87 -3.80 -3.67 -19.68
C LEU B 87 -3.02 -3.99 -20.94
N ASP B 88 -3.71 -4.01 -22.08
CA ASP B 88 -3.14 -4.42 -23.37
C ASP B 88 -1.76 -3.83 -23.63
N ILE B 89 -1.63 -2.52 -23.44
CA ILE B 89 -0.42 -1.82 -23.83
C ILE B 89 0.81 -2.14 -22.95
N LEU B 90 0.57 -2.78 -21.81
CA LEU B 90 1.69 -3.21 -20.95
C LEU B 90 2.31 -4.53 -21.40
N ARG B 91 1.62 -5.26 -22.27
CA ARG B 91 2.09 -6.57 -22.73
C ARG B 91 1.97 -6.72 -24.24
N SER B 92 0.94 -7.45 -24.68
CA SER B 92 0.75 -7.75 -26.11
C SER B 92 0.77 -6.51 -27.01
N GLN B 93 0.26 -5.40 -26.51
CA GLN B 93 0.11 -4.20 -27.34
C GLN B 93 1.10 -3.07 -27.03
N TRP B 94 2.26 -3.41 -26.51
CA TRP B 94 3.24 -2.36 -26.26
C TRP B 94 3.79 -1.82 -27.58
N SER B 95 4.17 -0.55 -27.59
CA SER B 95 4.85 0.04 -28.74
C SER B 95 5.98 0.92 -28.22
N PRO B 96 7.09 1.02 -28.97
CA PRO B 96 8.23 1.82 -28.51
C PRO B 96 8.00 3.33 -28.56
N ALA B 97 6.83 3.76 -29.02
CA ALA B 97 6.49 5.18 -28.99
C ALA B 97 5.68 5.53 -27.73
N LEU B 98 5.36 4.52 -26.93
CA LEU B 98 4.70 4.78 -25.65
C LEU B 98 5.69 5.27 -24.60
N THR B 99 5.17 5.93 -23.58
CA THR B 99 6.01 6.48 -22.50
C THR B 99 5.25 6.27 -21.20
N ILE B 100 5.92 6.47 -20.08
CA ILE B 100 5.27 6.34 -18.79
C ILE B 100 4.07 7.29 -18.64
N SER B 101 4.21 8.51 -19.15
CA SER B 101 3.12 9.48 -19.15
C SER B 101 1.87 8.85 -19.78
N LYS B 102 2.05 8.26 -20.96
CA LYS B 102 0.92 7.65 -21.67
C LYS B 102 0.37 6.44 -20.92
N VAL B 103 1.25 5.63 -20.35
CA VAL B 103 0.83 4.46 -19.58
C VAL B 103 -0.01 4.87 -18.34
N LEU B 104 0.43 5.90 -17.63
CA LEU B 104 -0.31 6.35 -16.45
C LEU B 104 -1.70 6.83 -16.83
N LEU B 105 -1.80 7.57 -17.94
CA LEU B 105 -3.08 8.08 -18.40
C LEU B 105 -4.03 6.94 -18.77
N SER B 106 -3.48 5.86 -19.33
CA SER B 106 -4.27 4.69 -19.69
C SER B 106 -4.77 3.99 -18.44
N ILE B 107 -3.92 3.90 -17.43
CA ILE B 107 -4.31 3.29 -16.17
C ILE B 107 -5.45 4.10 -15.54
N CYS B 108 -5.34 5.42 -15.57
CA CYS B 108 -6.44 6.26 -15.07
C CYS B 108 -7.74 5.98 -15.82
N SER B 109 -7.65 5.81 -17.13
CA SER B 109 -8.84 5.53 -17.92
C SER B 109 -9.40 4.15 -17.57
N LEU B 110 -8.51 3.23 -17.24
CA LEU B 110 -8.89 1.89 -16.79
C LEU B 110 -9.59 1.96 -15.44
N LEU B 111 -9.12 2.85 -14.56
CA LEU B 111 -9.77 3.04 -13.26
C LEU B 111 -11.18 3.61 -13.44
N CYS B 112 -11.36 4.39 -14.50
CA CYS B 112 -12.65 5.00 -14.80
C CYS B 112 -13.60 4.05 -15.52
N ASP B 113 -13.01 3.16 -16.32
CA ASP B 113 -13.78 2.24 -17.14
C ASP B 113 -13.08 0.89 -17.21
N PRO B 114 -13.43 -0.02 -16.29
CA PRO B 114 -12.89 -1.38 -16.23
C PRO B 114 -13.26 -2.25 -17.42
N ASN B 115 -12.49 -3.32 -17.65
CA ASN B 115 -12.80 -4.29 -18.69
C ASN B 115 -13.14 -5.67 -18.10
N PRO B 116 -14.39 -5.83 -17.65
CA PRO B 116 -14.82 -7.04 -16.93
C PRO B 116 -14.76 -8.29 -17.80
N ASP B 117 -14.74 -8.10 -19.11
CA ASP B 117 -14.58 -9.20 -20.05
C ASP B 117 -13.11 -9.36 -20.43
N ASP B 118 -12.25 -9.18 -19.42
CA ASP B 118 -10.82 -9.45 -19.51
C ASP B 118 -10.26 -9.21 -18.12
N PRO B 119 -10.61 -10.08 -17.16
CA PRO B 119 -10.34 -9.76 -15.76
C PRO B 119 -9.03 -10.34 -15.23
N LEU B 120 -8.86 -10.22 -13.92
CA LEU B 120 -7.76 -10.84 -13.21
C LEU B 120 -8.33 -11.37 -11.91
N VAL B 121 -9.44 -10.77 -11.51
CA VAL B 121 -10.13 -11.13 -10.30
C VAL B 121 -11.57 -11.37 -10.68
N PRO B 122 -11.90 -12.64 -10.97
CA PRO B 122 -13.21 -13.06 -11.46
C PRO B 122 -14.36 -12.49 -10.63
N GLU B 123 -14.32 -12.67 -9.32
CA GLU B 123 -15.43 -12.30 -8.45
C GLU B 123 -15.74 -10.81 -8.57
N ILE B 124 -14.69 -9.99 -8.66
CA ILE B 124 -14.86 -8.54 -8.81
C ILE B 124 -15.49 -8.21 -10.17
N ALA B 125 -15.08 -8.94 -11.20
CA ALA B 125 -15.64 -8.71 -12.53
C ALA B 125 -17.12 -9.12 -12.52
N ARG B 126 -17.44 -10.20 -11.82
CA ARG B 126 -18.81 -10.68 -11.73
C ARG B 126 -19.67 -9.61 -11.06
N ILE B 127 -19.20 -9.12 -9.92
CA ILE B 127 -19.91 -8.10 -9.14
C ILE B 127 -20.09 -6.80 -9.93
N TYR B 128 -19.05 -6.38 -10.65
CA TYR B 128 -19.13 -5.18 -11.46
C TYR B 128 -20.20 -5.31 -12.54
N LYS B 129 -20.31 -6.49 -13.12
CA LYS B 129 -21.27 -6.74 -14.19
C LYS B 129 -22.70 -6.80 -13.66
N THR B 130 -22.90 -7.51 -12.55
CA THR B 130 -24.25 -7.84 -12.08
C THR B 130 -24.81 -6.89 -11.01
N ASP B 131 -23.94 -6.19 -10.28
CA ASP B 131 -24.41 -5.24 -9.27
C ASP B 131 -23.45 -4.07 -9.09
N ARG B 132 -23.66 -3.00 -9.84
CA ARG B 132 -22.75 -1.87 -9.81
C ARG B 132 -22.72 -1.18 -8.45
N ASP B 133 -23.88 -1.09 -7.80
CA ASP B 133 -23.96 -0.46 -6.48
C ASP B 133 -22.95 -1.06 -5.50
N LYS B 134 -22.99 -2.39 -5.36
CA LYS B 134 -22.05 -3.10 -4.51
C LYS B 134 -20.58 -2.89 -4.94
N TYR B 135 -20.32 -2.86 -6.24
CA TYR B 135 -18.94 -2.66 -6.71
C TYR B 135 -18.41 -1.28 -6.31
N ASN B 136 -19.27 -0.27 -6.46
CA ASN B 136 -18.95 1.09 -6.06
C ASN B 136 -18.71 1.16 -4.56
N ARG B 137 -19.64 0.60 -3.80
CA ARG B 137 -19.53 0.60 -2.34
C ARG B 137 -18.20 0.00 -1.87
N ILE B 138 -17.88 -1.21 -2.34
CA ILE B 138 -16.66 -1.88 -1.91
C ILE B 138 -15.40 -1.17 -2.44
N SER B 139 -15.50 -0.63 -3.66
CA SER B 139 -14.39 0.16 -4.21
C SER B 139 -14.06 1.33 -3.29
N ARG B 140 -15.11 2.06 -2.90
CA ARG B 140 -14.95 3.19 -2.00
C ARG B 140 -14.37 2.77 -0.67
N GLU B 141 -14.91 1.70 -0.11
CA GLU B 141 -14.40 1.15 1.15
C GLU B 141 -12.92 0.79 1.06
N TRP B 142 -12.53 0.08 0.00
CA TRP B 142 -11.13 -0.28 -0.14
C TRP B 142 -10.30 1.00 -0.30
N THR B 143 -10.86 2.00 -0.97
CA THR B 143 -10.13 3.25 -1.16
C THR B 143 -9.83 3.92 0.18
N GLN B 144 -10.77 3.87 1.11
CA GLN B 144 -10.56 4.48 2.42
C GLN B 144 -9.64 3.64 3.29
N LYS B 145 -9.66 2.32 3.07
CA LYS B 145 -8.90 1.38 3.88
C LYS B 145 -7.41 1.37 3.51
N TYR B 146 -7.11 1.51 2.22
CA TYR B 146 -5.76 1.25 1.71
C TYR B 146 -5.11 2.47 1.02
N ALA B 147 -5.91 3.38 0.49
CA ALA B 147 -5.35 4.43 -0.36
C ALA B 147 -5.18 5.79 0.33
N MET B 148 -4.66 5.78 1.57
CA MET B 148 -4.42 7.00 2.35
C MET B 148 -3.30 7.85 1.74
N THR C 12 8.86 -23.89 29.96
CA THR C 12 8.12 -24.75 30.88
C THR C 12 8.94 -25.93 31.41
N GLN C 13 8.91 -26.13 32.72
CA GLN C 13 9.74 -27.14 33.37
C GLN C 13 9.03 -28.50 33.38
N PRO C 14 9.79 -29.60 33.53
CA PRO C 14 9.15 -30.91 33.66
C PRO C 14 8.25 -30.99 34.90
N LEU C 15 7.19 -31.78 34.81
CA LEU C 15 6.26 -32.00 35.93
C LEU C 15 6.99 -32.42 37.21
N SER C 16 7.89 -33.38 37.08
CA SER C 16 8.67 -33.86 38.22
C SER C 16 9.54 -32.77 38.88
N LYS C 17 9.83 -31.70 38.16
CA LYS C 17 10.60 -30.57 38.70
C LYS C 17 9.67 -29.56 39.37
N THR C 18 8.65 -29.17 38.63
CA THR C 18 7.67 -28.19 39.11
C THR C 18 7.04 -28.55 40.46
N TRP C 19 6.70 -29.83 40.63
CA TRP C 19 6.02 -30.28 41.86
C TRP C 19 6.92 -31.02 42.85
N GLU C 20 8.23 -30.98 42.63
CA GLU C 20 9.19 -31.51 43.59
C GLU C 20 9.20 -30.60 44.82
N LEU C 21 8.98 -31.18 46.00
CA LEU C 21 9.03 -30.37 47.21
C LEU C 21 10.46 -30.31 47.72
N SER C 22 10.89 -29.14 48.19
CA SER C 22 12.22 -28.98 48.77
C SER C 22 12.25 -29.61 50.17
N LEU C 23 13.43 -29.70 50.76
CA LEU C 23 13.56 -30.21 52.13
C LEU C 23 12.73 -29.39 53.11
N TYR C 24 12.78 -28.06 52.98
CA TYR C 24 11.94 -27.18 53.79
C TYR C 24 10.45 -27.53 53.62
N GLU C 25 10.01 -27.68 52.37
CA GLU C 25 8.58 -27.91 52.10
C GLU C 25 8.07 -29.22 52.67
N LEU C 26 8.94 -30.22 52.76
CA LEU C 26 8.55 -31.52 53.29
C LEU C 26 8.12 -31.43 54.75
N GLN C 27 8.67 -30.46 55.48
CA GLN C 27 8.38 -30.29 56.90
C GLN C 27 7.64 -28.99 57.26
N ARG C 28 7.07 -28.30 56.27
CA ARG C 28 6.44 -27.02 56.54
C ARG C 28 5.15 -27.19 57.35
N THR C 29 4.88 -26.24 58.22
CA THR C 29 3.65 -26.25 59.01
C THR C 29 2.77 -25.08 58.60
N PRO C 30 1.45 -25.15 58.88
CA PRO C 30 0.52 -24.11 58.41
C PRO C 30 0.86 -22.69 58.82
N GLN C 31 0.52 -21.73 57.97
CA GLN C 31 0.49 -20.33 58.37
C GLN C 31 -0.90 -20.04 58.94
N GLU C 32 -1.03 -20.14 60.25
CA GLU C 32 -2.34 -20.10 60.92
C GLU C 32 -3.16 -18.83 60.63
N ALA C 33 -4.46 -19.01 60.45
CA ALA C 33 -5.32 -17.89 60.09
C ALA C 33 -5.44 -16.89 61.23
N ILE C 34 -5.53 -15.62 60.85
CA ILE C 34 -5.71 -14.53 61.80
C ILE C 34 -7.18 -14.40 62.13
N THR C 35 -7.51 -14.32 63.42
CA THR C 35 -8.91 -14.30 63.83
C THR C 35 -9.26 -13.13 64.76
N ASP C 36 -8.31 -12.23 65.00
CA ASP C 36 -8.51 -11.13 65.95
C ASP C 36 -8.81 -9.78 65.27
N LEU C 38 -7.33 -7.33 63.61
CA LEU C 38 -6.27 -6.86 62.72
C LEU C 38 -6.81 -6.45 61.35
N GLU C 39 -6.54 -5.20 60.96
CA GLU C 39 -6.94 -4.69 59.64
C GLU C 39 -5.82 -4.84 58.59
N ILE C 40 -6.20 -4.84 57.31
CA ILE C 40 -5.21 -4.92 56.23
C ILE C 40 -4.42 -3.62 56.15
N VAL C 41 -3.18 -3.73 55.67
CA VAL C 41 -2.29 -2.57 55.57
C VAL C 41 -2.34 -1.97 54.15
N VAL C 42 -2.84 -2.74 53.18
CA VAL C 42 -3.00 -2.22 51.81
C VAL C 42 -4.36 -1.56 51.56
N SER C 43 -4.38 -0.60 50.65
CA SER C 43 -5.63 -0.06 50.13
C SER C 43 -6.06 -1.04 49.05
N PRO C 44 -7.37 -1.16 48.81
CA PRO C 44 -7.79 -2.03 47.69
C PRO C 44 -7.25 -1.47 46.38
N ARG C 45 -6.95 -0.18 46.40
CA ARG C 45 -6.32 0.53 45.30
C ARG C 45 -5.10 -0.21 44.75
N SER C 46 -4.30 -0.78 45.65
CA SER C 46 -3.06 -1.44 45.26
C SER C 46 -3.30 -2.78 44.56
N LEU C 47 -4.55 -3.25 44.57
CA LEU C 47 -4.89 -4.53 43.98
C LEU C 47 -5.38 -4.43 42.53
N HIS C 48 -5.25 -3.23 41.96
CA HIS C 48 -5.79 -2.93 40.63
C HIS C 48 -5.54 -4.00 39.54
N SER C 49 -4.29 -4.31 39.24
CA SER C 49 -4.04 -5.21 38.12
C SER C 49 -4.48 -6.66 38.43
N GLU C 50 -4.44 -7.04 39.70
CA GLU C 50 -4.83 -8.40 40.09
C GLU C 50 -6.32 -8.67 39.86
N LEU C 51 -7.15 -7.63 40.00
CA LEU C 51 -8.59 -7.80 39.92
C LEU C 51 -9.16 -7.35 38.57
N MET C 52 -8.29 -6.94 37.66
CA MET C 52 -8.73 -6.33 36.38
C MET C 52 -8.98 -7.37 35.29
N CYS C 53 -10.07 -7.22 34.53
CA CYS C 53 -10.27 -8.04 33.34
C CYS C 53 -9.38 -7.49 32.22
N PRO C 54 -8.57 -8.35 31.56
CA PRO C 54 -7.67 -7.84 30.52
C PRO C 54 -8.41 -7.34 29.28
N ILE C 55 -9.64 -7.82 29.08
CA ILE C 55 -10.42 -7.45 27.90
C ILE C 55 -11.14 -6.10 28.03
N CYS C 56 -12.02 -5.98 29.03
CA CYS C 56 -12.71 -4.70 29.23
C CYS C 56 -11.92 -3.68 30.05
N LEU C 57 -10.84 -4.12 30.70
CA LEU C 57 -10.00 -3.24 31.55
C LEU C 57 -10.69 -2.73 32.84
N ASP C 58 -11.86 -3.29 33.17
CA ASP C 58 -12.57 -2.89 34.40
C ASP C 58 -12.39 -4.02 35.41
N MET C 59 -12.80 -3.83 36.65
CA MET C 59 -12.71 -4.92 37.62
C MET C 59 -13.62 -6.07 37.21
N LEU C 60 -13.13 -7.30 37.40
CA LEU C 60 -13.85 -8.50 37.00
C LEU C 60 -15.26 -8.62 37.57
N LYS C 61 -16.15 -9.09 36.71
CA LYS C 61 -17.52 -9.44 37.08
C LYS C 61 -17.79 -10.84 36.52
N ASN C 62 -18.47 -11.68 37.30
CA ASN C 62 -18.76 -13.06 36.87
C ASN C 62 -17.52 -13.74 36.30
N THR C 63 -16.48 -13.78 37.13
CA THR C 63 -15.17 -14.28 36.71
C THR C 63 -15.21 -15.68 36.12
N MET C 64 -14.55 -15.84 34.98
CA MET C 64 -14.29 -17.15 34.39
C MET C 64 -12.78 -17.30 34.33
N THR C 65 -12.29 -18.52 34.56
CA THR C 65 -10.85 -18.74 34.69
C THR C 65 -10.40 -19.85 33.73
N THR C 66 -9.29 -19.63 33.03
CA THR C 66 -8.82 -20.64 32.08
C THR C 66 -8.20 -21.81 32.82
N LYS C 67 -8.53 -23.03 32.41
CA LYS C 67 -8.01 -24.21 33.06
C LYS C 67 -6.50 -24.32 32.83
N GLU C 68 -6.07 -23.98 31.63
CA GLU C 68 -4.69 -24.24 31.23
C GLU C 68 -3.70 -23.27 31.85
N CYS C 69 -4.10 -22.01 32.02
CA CYS C 69 -3.16 -20.99 32.44
C CYS C 69 -3.65 -20.10 33.58
N LEU C 70 -4.81 -20.41 34.14
CA LEU C 70 -5.36 -19.63 35.27
C LEU C 70 -5.38 -18.13 35.01
N HIS C 71 -5.81 -17.75 33.81
CA HIS C 71 -6.04 -16.35 33.48
C HIS C 71 -7.53 -16.04 33.57
N ARG C 72 -7.86 -14.87 34.13
CA ARG C 72 -9.24 -14.54 34.49
C ARG C 72 -9.85 -13.41 33.64
N PHE C 73 -11.11 -13.60 33.24
CA PHE C 73 -11.85 -12.66 32.38
C PHE C 73 -13.31 -12.61 32.87
N CYS C 74 -14.03 -11.49 32.62
CA CYS C 74 -15.48 -11.46 32.84
C CYS C 74 -16.07 -12.51 31.92
N ALA C 75 -17.09 -13.23 32.38
CA ALA C 75 -17.77 -14.22 31.54
C ALA C 75 -18.16 -13.65 30.17
N ASP C 76 -18.88 -12.53 30.17
CA ASP C 76 -19.28 -11.88 28.92
C ASP C 76 -18.09 -11.58 28.01
N CYS C 77 -17.01 -11.11 28.60
CA CYS C 77 -15.83 -10.70 27.84
C CYS C 77 -15.15 -11.87 27.14
N ILE C 78 -14.90 -12.95 27.88
CA ILE C 78 -14.24 -14.10 27.27
C ILE C 78 -15.17 -14.84 26.29
N ILE C 79 -16.46 -14.95 26.61
CA ILE C 79 -17.38 -15.62 25.70
C ILE C 79 -17.48 -14.85 24.38
N THR C 80 -17.48 -13.52 24.47
CA THR C 80 -17.53 -12.71 23.26
C THR C 80 -16.26 -12.88 22.42
N ALA C 81 -15.11 -12.81 23.08
CA ALA C 81 -13.82 -13.05 22.42
C ALA C 81 -13.78 -14.40 21.69
N LEU C 82 -14.27 -15.46 22.33
CA LEU C 82 -14.23 -16.81 21.76
C LEU C 82 -15.07 -16.95 20.48
N ARG C 83 -16.05 -16.07 20.32
CA ARG C 83 -16.82 -16.00 19.08
C ARG C 83 -15.93 -15.56 17.90
N SER C 84 -14.70 -15.15 18.21
CA SER C 84 -13.64 -14.90 17.23
C SER C 84 -13.86 -13.66 16.39
N ASN C 86 -10.03 -15.76 17.54
CA ASN C 86 -9.05 -16.83 17.75
C ASN C 86 -9.42 -17.71 18.94
N LYS C 87 -9.18 -19.02 18.80
CA LYS C 87 -9.43 -19.96 19.90
C LYS C 87 -8.19 -20.06 20.82
N GLU C 88 -7.85 -18.96 21.48
CA GLU C 88 -6.66 -18.92 22.30
C GLU C 88 -6.88 -17.94 23.44
N CYS C 89 -6.17 -18.12 24.54
CA CYS C 89 -6.26 -17.20 25.66
C CYS C 89 -5.79 -15.82 25.22
N PRO C 90 -6.62 -14.79 25.47
CA PRO C 90 -6.23 -13.43 25.11
C PRO C 90 -4.95 -12.95 25.81
N THR C 91 -4.68 -13.44 27.01
CA THR C 91 -3.49 -12.99 27.75
C THR C 91 -2.20 -13.67 27.31
N CYS C 92 -2.22 -14.99 27.20
CA CYS C 92 -0.96 -15.72 27.00
C CYS C 92 -0.88 -16.55 25.70
N ARG C 93 -1.97 -16.55 24.92
CA ARG C 93 -2.04 -17.25 23.62
C ARG C 93 -2.04 -18.78 23.70
N LYS C 94 -2.06 -19.35 24.90
CA LYS C 94 -2.19 -20.79 25.02
C LYS C 94 -3.55 -21.24 24.50
N LYS C 95 -3.63 -22.49 24.08
CA LYS C 95 -4.83 -23.04 23.45
C LYS C 95 -6.04 -22.91 24.34
N LEU C 96 -7.14 -22.46 23.75
CA LEU C 96 -8.40 -22.26 24.45
C LEU C 96 -9.48 -22.54 23.43
N VAL C 97 -9.89 -23.80 23.33
CA VAL C 97 -10.78 -24.24 22.26
C VAL C 97 -12.22 -23.78 22.43
N SER C 98 -12.72 -23.86 23.66
CA SER C 98 -14.13 -23.62 23.92
C SER C 98 -14.36 -23.14 25.33
N LYS C 99 -15.64 -22.98 25.70
CA LYS C 99 -16.03 -22.74 27.08
C LYS C 99 -15.64 -23.91 27.99
N ARG C 100 -15.48 -25.10 27.41
CA ARG C 100 -15.05 -26.27 28.18
C ARG C 100 -13.67 -26.06 28.81
N SER C 101 -12.88 -25.15 28.26
CA SER C 101 -11.54 -24.89 28.75
C SER C 101 -11.54 -23.75 29.79
N LEU C 102 -12.73 -23.30 30.18
CA LEU C 102 -12.93 -22.29 31.21
C LEU C 102 -13.76 -22.84 32.37
N ARG C 103 -13.60 -22.26 33.55
CA ARG C 103 -14.40 -22.60 34.72
C ARG C 103 -14.91 -21.32 35.37
N PRO C 104 -16.14 -21.32 35.88
CA PRO C 104 -16.57 -20.19 36.71
C PRO C 104 -15.71 -20.14 37.96
N ASP C 105 -15.48 -18.94 38.48
CA ASP C 105 -14.64 -18.78 39.66
C ASP C 105 -15.38 -18.03 40.74
N PRO C 106 -16.36 -18.70 41.38
CA PRO C 106 -17.17 -18.00 42.38
C PRO C 106 -16.35 -17.55 43.58
N ASN C 107 -15.32 -18.31 43.94
CA ASN C 107 -14.42 -17.89 45.02
C ASN C 107 -13.79 -16.52 44.72
N PHE C 108 -13.34 -16.32 43.49
CA PHE C 108 -12.70 -15.06 43.15
C PHE C 108 -13.71 -13.89 43.18
N ASP C 109 -14.93 -14.15 42.73
CA ASP C 109 -15.98 -13.11 42.79
C ASP C 109 -16.30 -12.75 44.25
N ALA C 110 -16.36 -13.77 45.08
CA ALA C 110 -16.61 -13.58 46.50
C ALA C 110 -15.52 -12.73 47.15
N LEU C 111 -14.28 -13.03 46.81
CA LEU C 111 -13.15 -12.29 47.37
C LEU C 111 -13.24 -10.81 46.93
N ILE C 112 -13.52 -10.61 45.64
CA ILE C 112 -13.70 -9.26 45.11
C ILE C 112 -14.77 -8.49 45.87
N SER C 113 -15.87 -9.17 46.16
CA SER C 113 -16.97 -8.52 46.89
CA SER C 113 -16.95 -8.52 46.88
C SER C 113 -16.55 -8.16 48.32
N LYS C 114 -15.67 -8.96 48.92
CA LYS C 114 -15.15 -8.66 50.25
C LYS C 114 -14.24 -7.41 50.20
N ILE C 115 -13.40 -7.33 49.17
CA ILE C 115 -12.50 -6.19 49.00
C ILE C 115 -13.26 -4.90 48.64
N TYR C 116 -14.28 -5.03 47.80
CA TYR C 116 -15.11 -3.88 47.41
C TYR C 116 -16.58 -4.14 47.70
N PRO C 117 -17.01 -3.87 48.93
CA PRO C 117 -18.39 -4.16 49.34
C PRO C 117 -19.41 -3.26 48.64
N SER C 118 -20.67 -3.70 48.68
CA SER C 118 -21.79 -3.17 47.90
C SER C 118 -21.60 -3.40 46.39
N THR D 12 -10.47 7.08 -42.95
CA THR D 12 -11.68 7.54 -42.26
C THR D 12 -12.79 7.92 -43.26
N GLN D 13 -12.62 9.02 -43.99
CA GLN D 13 -13.61 9.43 -44.99
C GLN D 13 -13.30 8.76 -46.32
N PRO D 14 -14.31 8.62 -47.19
CA PRO D 14 -13.99 8.07 -48.51
C PRO D 14 -12.96 8.94 -49.23
N LEU D 15 -12.12 8.34 -50.06
CA LEU D 15 -11.13 9.03 -50.88
C LEU D 15 -11.69 10.22 -51.68
N SER D 16 -12.85 9.99 -52.30
CA SER D 16 -13.48 11.00 -53.14
C SER D 16 -13.93 12.21 -52.33
N LYS D 17 -14.16 12.00 -51.04
CA LYS D 17 -14.46 13.12 -50.14
C LYS D 17 -13.16 13.79 -49.69
N THR D 18 -12.20 12.99 -49.29
CA THR D 18 -10.97 13.55 -48.73
C THR D 18 -10.29 14.56 -49.64
N TRP D 19 -10.21 14.23 -50.92
CA TRP D 19 -9.50 15.08 -51.90
C TRP D 19 -10.40 15.99 -52.74
N GLU D 20 -11.67 16.07 -52.37
CA GLU D 20 -12.57 16.97 -53.08
C GLU D 20 -12.23 18.44 -52.76
N LEU D 21 -12.10 19.25 -53.79
CA LEU D 21 -11.71 20.64 -53.59
C LEU D 21 -12.95 21.52 -53.51
N SER D 22 -12.94 22.49 -52.60
CA SER D 22 -14.04 23.45 -52.44
C SER D 22 -14.01 24.44 -53.60
N LEU D 23 -15.05 25.26 -53.73
CA LEU D 23 -15.05 26.28 -54.81
C LEU D 23 -13.88 27.23 -54.60
N TYR D 24 -13.59 27.57 -53.35
CA TYR D 24 -12.41 28.38 -53.06
C TYR D 24 -11.14 27.72 -53.60
N GLU D 25 -10.96 26.45 -53.27
CA GLU D 25 -9.73 25.73 -53.66
C GLU D 25 -9.56 25.57 -55.18
N LEU D 26 -10.66 25.50 -55.92
CA LEU D 26 -10.60 25.37 -57.38
C LEU D 26 -10.04 26.64 -58.05
N GLN D 27 -9.96 27.75 -57.31
CA GLN D 27 -9.47 28.99 -57.92
C GLN D 27 -8.38 29.63 -57.08
N ARG D 28 -7.83 28.90 -56.12
CA ARG D 28 -6.87 29.52 -55.22
C ARG D 28 -5.59 29.91 -55.95
N THR D 29 -4.92 30.94 -55.48
CA THR D 29 -3.68 31.42 -56.09
C THR D 29 -2.62 31.31 -55.01
N PRO D 30 -1.35 31.29 -55.41
CA PRO D 30 -0.30 31.03 -54.40
C PRO D 30 -0.26 32.02 -53.25
N GLN D 31 0.22 31.54 -52.11
CA GLN D 31 0.67 32.42 -51.04
C GLN D 31 2.14 32.73 -51.32
N GLU D 32 2.41 33.94 -51.80
CA GLU D 32 3.76 34.29 -52.26
C GLU D 32 4.75 34.35 -51.12
N ALA D 33 5.90 33.72 -51.35
CA ALA D 33 7.00 33.70 -50.38
C ALA D 33 7.64 35.08 -50.25
N VAL D 42 11.73 32.77 -36.24
CA VAL D 42 11.63 32.81 -34.77
C VAL D 42 12.32 31.61 -34.13
N SER D 43 12.11 31.41 -32.83
CA SER D 43 12.93 30.44 -32.07
C SER D 43 12.64 28.96 -32.37
N PRO D 44 13.70 28.20 -32.68
CA PRO D 44 13.65 26.76 -32.93
C PRO D 44 13.06 25.97 -31.76
N ARG D 45 13.07 26.55 -30.55
CA ARG D 45 12.58 25.84 -29.36
C ARG D 45 11.13 25.38 -29.46
N SER D 46 10.31 26.12 -30.19
CA SER D 46 8.88 25.84 -30.24
C SER D 46 8.57 24.72 -31.22
N LEU D 47 9.59 24.24 -31.94
CA LEU D 47 9.42 23.16 -32.92
C LEU D 47 9.77 21.78 -32.35
N HIS D 48 10.02 21.73 -31.04
CA HIS D 48 10.39 20.51 -30.32
C HIS D 48 9.59 19.28 -30.74
N SER D 49 8.27 19.37 -30.63
CA SER D 49 7.40 18.22 -30.91
C SER D 49 7.46 17.80 -32.37
N GLU D 50 7.44 18.77 -33.27
CA GLU D 50 7.42 18.46 -34.69
C GLU D 50 8.69 17.76 -35.20
N LEU D 51 9.82 17.95 -34.53
CA LEU D 51 11.09 17.39 -35.01
C LEU D 51 11.56 16.18 -34.20
N MET D 52 10.77 15.78 -33.22
CA MET D 52 11.15 14.71 -32.32
C MET D 52 10.87 13.32 -32.90
N CYS D 53 11.79 12.39 -32.68
CA CYS D 53 11.53 10.97 -32.94
C CYS D 53 10.67 10.37 -31.83
N PRO D 54 9.49 9.82 -32.17
CA PRO D 54 8.61 9.24 -31.14
C PRO D 54 9.26 8.12 -30.34
N ILE D 55 10.26 7.43 -30.90
CA ILE D 55 10.93 6.31 -30.21
C ILE D 55 12.03 6.73 -29.21
N CYS D 56 13.05 7.46 -29.69
CA CYS D 56 14.13 7.84 -28.81
C CYS D 56 13.88 9.16 -28.11
N LEU D 57 12.80 9.85 -28.50
CA LEU D 57 12.43 11.16 -27.90
C LEU D 57 13.47 12.28 -28.10
N ASP D 58 14.38 12.09 -29.04
CA ASP D 58 15.39 13.09 -29.36
C ASP D 58 15.07 13.63 -30.74
N MET D 59 15.76 14.67 -31.19
CA MET D 59 15.51 15.21 -32.53
C MET D 59 15.89 14.19 -33.60
N LEU D 60 15.05 14.09 -34.62
CA LEU D 60 15.21 13.14 -35.72
C LEU D 60 16.59 13.15 -36.39
N LYS D 61 17.15 11.96 -36.58
CA LYS D 61 18.37 11.77 -37.36
C LYS D 61 18.11 10.71 -38.43
N ASN D 62 18.58 10.96 -39.64
CA ASN D 62 18.41 10.05 -40.76
C ASN D 62 16.95 9.64 -40.89
N THR D 63 16.09 10.63 -41.06
CA THR D 63 14.65 10.45 -40.99
C THR D 63 14.16 9.40 -41.96
N MET D 64 13.31 8.51 -41.47
CA MET D 64 12.61 7.55 -42.30
C MET D 64 11.15 7.75 -42.07
N THR D 65 10.35 7.68 -43.13
CA THR D 65 8.95 8.06 -43.07
C THR D 65 8.08 6.93 -43.62
N THR D 66 7.03 6.60 -42.89
CA THR D 66 6.10 5.56 -43.33
C THR D 66 5.26 6.08 -44.49
N LYS D 67 5.14 5.28 -45.55
CA LYS D 67 4.31 5.65 -46.69
C LYS D 67 2.82 5.76 -46.35
N GLU D 68 2.33 4.91 -45.46
CA GLU D 68 0.88 4.87 -45.19
C GLU D 68 0.39 6.04 -44.34
N CYS D 69 1.17 6.44 -43.35
CA CYS D 69 0.70 7.41 -42.36
C CYS D 69 1.59 8.66 -42.25
N LEU D 70 2.70 8.68 -42.99
CA LEU D 70 3.65 9.80 -42.93
C LEU D 70 4.10 10.07 -41.50
N HIS D 71 4.44 9.00 -40.80
CA HIS D 71 4.99 9.14 -39.47
C HIS D 71 6.50 8.97 -39.58
N ARG D 72 7.24 9.76 -38.82
CA ARG D 72 8.69 9.88 -38.99
C ARG D 72 9.47 9.34 -37.80
N PHE D 73 10.57 8.64 -38.09
CA PHE D 73 11.43 8.03 -37.06
C PHE D 73 12.88 8.08 -37.51
N CYS D 74 13.81 8.07 -36.54
CA CYS D 74 15.23 7.90 -36.87
C CYS D 74 15.35 6.55 -37.56
N ALA D 75 16.19 6.47 -38.58
CA ALA D 75 16.45 5.20 -39.26
C ALA D 75 16.74 4.08 -38.26
N ASP D 76 17.72 4.28 -37.39
CA ASP D 76 18.09 3.22 -36.42
C ASP D 76 16.92 2.86 -35.50
N CYS D 77 16.11 3.84 -35.14
CA CYS D 77 15.01 3.63 -34.22
C CYS D 77 13.92 2.74 -34.79
N ILE D 78 13.45 3.07 -35.99
CA ILE D 78 12.39 2.29 -36.61
C ILE D 78 12.87 0.90 -37.04
N ILE D 79 14.13 0.78 -37.48
CA ILE D 79 14.69 -0.52 -37.83
C ILE D 79 14.75 -1.46 -36.61
N THR D 80 15.19 -0.93 -35.48
CA THR D 80 15.25 -1.71 -34.26
C THR D 80 13.85 -2.13 -33.82
N ALA D 81 12.90 -1.21 -33.94
CA ALA D 81 11.51 -1.46 -33.57
C ALA D 81 10.91 -2.58 -34.41
N LEU D 82 11.13 -2.50 -35.72
CA LEU D 82 10.50 -3.44 -36.66
C LEU D 82 11.01 -4.85 -36.46
N ARG D 83 12.23 -4.97 -35.94
CA ARG D 83 12.81 -6.27 -35.65
C ARG D 83 13.09 -6.40 -34.17
N SER D 84 12.08 -6.66 -33.32
CA SER D 84 10.68 -6.85 -33.71
C SER D 84 9.78 -6.60 -32.49
N GLY D 85 8.58 -6.06 -32.71
CA GLY D 85 8.13 -5.66 -34.04
C GLY D 85 6.63 -5.57 -34.26
N ASN D 86 6.02 -6.73 -34.48
CA ASN D 86 4.61 -6.83 -34.90
C ASN D 86 4.36 -6.24 -36.29
N LYS D 87 5.40 -5.68 -36.90
CA LYS D 87 5.31 -5.10 -38.24
C LYS D 87 4.29 -3.97 -38.35
N GLU D 88 4.24 -3.08 -37.35
CA GLU D 88 3.29 -1.97 -37.37
C GLU D 88 3.98 -0.65 -37.05
N CYS D 89 3.38 0.45 -37.50
CA CYS D 89 3.88 1.78 -37.17
C CYS D 89 3.76 1.97 -35.67
N PRO D 90 4.87 2.33 -35.02
CA PRO D 90 4.86 2.55 -33.57
C PRO D 90 3.90 3.66 -33.14
N THR D 91 3.68 4.65 -33.99
CA THR D 91 2.81 5.77 -33.63
C THR D 91 1.31 5.47 -33.73
N CYS D 92 0.85 5.03 -34.90
CA CYS D 92 -0.58 4.83 -35.11
C CYS D 92 -1.04 3.38 -35.27
N ARG D 93 -0.10 2.44 -35.21
CA ARG D 93 -0.36 0.99 -35.28
C ARG D 93 -0.69 0.41 -36.66
N LYS D 94 -0.78 1.25 -37.68
CA LYS D 94 -1.07 0.77 -39.04
C LYS D 94 -0.05 -0.27 -39.51
N LYS D 95 -0.52 -1.25 -40.28
CA LYS D 95 0.35 -2.31 -40.77
C LYS D 95 1.47 -1.74 -41.62
N LEU D 96 2.65 -2.33 -41.51
CA LEU D 96 3.76 -1.99 -42.40
C LEU D 96 4.13 -3.22 -43.21
N VAL D 97 3.39 -3.41 -44.32
CA VAL D 97 3.44 -4.64 -45.11
C VAL D 97 4.82 -5.18 -45.49
N SER D 98 5.84 -4.33 -45.48
CA SER D 98 7.14 -4.71 -46.01
C SER D 98 8.26 -3.73 -45.67
N LYS D 99 9.41 -3.93 -46.29
CA LYS D 99 10.53 -2.99 -46.21
C LYS D 99 10.19 -1.78 -47.07
N ARG D 100 9.39 -2.02 -48.10
CA ARG D 100 8.91 -0.98 -48.99
C ARG D 100 8.07 0.07 -48.27
N SER D 101 7.62 -0.25 -47.06
CA SER D 101 6.67 0.61 -46.35
C SER D 101 7.33 1.83 -45.72
N LEU D 102 8.66 1.83 -45.71
CA LEU D 102 9.43 2.96 -45.20
C LEU D 102 10.34 3.47 -46.30
N ARG D 103 10.67 4.76 -46.21
CA ARG D 103 11.52 5.38 -47.19
C ARG D 103 12.25 6.53 -46.52
N PRO D 104 13.54 6.72 -46.85
CA PRO D 104 14.31 7.85 -46.29
C PRO D 104 13.69 9.18 -46.67
N ASP D 105 13.82 10.17 -45.78
CA ASP D 105 13.23 11.49 -46.00
C ASP D 105 14.33 12.55 -45.96
N PRO D 106 15.18 12.60 -47.00
CA PRO D 106 16.32 13.52 -46.96
C PRO D 106 15.90 14.99 -46.90
N ASN D 107 14.76 15.33 -47.50
CA ASN D 107 14.28 16.71 -47.46
C ASN D 107 13.92 17.15 -46.04
N PHE D 108 13.37 16.25 -45.24
CA PHE D 108 13.09 16.57 -43.85
C PHE D 108 14.40 16.72 -43.06
N ASP D 109 15.40 15.92 -43.38
CA ASP D 109 16.71 16.08 -42.73
C ASP D 109 17.31 17.45 -43.05
N ALA D 110 17.20 17.87 -44.31
CA ALA D 110 17.77 19.15 -44.72
C ALA D 110 17.04 20.33 -44.07
N LEU D 111 15.72 20.21 -43.91
CA LEU D 111 14.94 21.23 -43.22
C LEU D 111 15.40 21.33 -41.76
N ILE D 112 15.52 20.16 -41.12
CA ILE D 112 16.10 20.08 -39.77
C ILE D 112 17.48 20.74 -39.70
N SER D 113 18.30 20.50 -40.71
CA SER D 113 19.65 21.07 -40.72
C SER D 113 19.64 22.59 -40.84
N LYS D 114 18.64 23.14 -41.55
CA LYS D 114 18.54 24.59 -41.71
C LYS D 114 18.01 25.19 -40.44
N ILE D 115 17.20 24.44 -39.70
CA ILE D 115 16.65 24.94 -38.44
C ILE D 115 17.71 24.89 -37.35
N TYR D 116 18.49 23.81 -37.35
CA TYR D 116 19.61 23.63 -36.42
C TYR D 116 20.91 23.35 -37.17
N PRO D 117 21.61 24.42 -37.54
CA PRO D 117 22.86 24.31 -38.30
C PRO D 117 23.98 23.68 -37.48
N SER D 118 24.90 22.99 -38.15
CA SER D 118 26.05 22.41 -37.45
C SER D 118 27.31 23.17 -37.78
N LYS E 6 -13.27 -0.23 57.93
CA LYS E 6 -11.92 -0.79 57.88
C LYS E 6 -11.96 -2.29 57.66
N HIS E 7 -11.31 -2.75 56.59
CA HIS E 7 -11.29 -4.16 56.24
C HIS E 7 -10.41 -4.95 57.22
N LEU E 8 -10.97 -5.97 57.85
CA LEU E 8 -10.20 -6.85 58.72
C LEU E 8 -9.65 -7.99 57.89
N VAL E 9 -8.39 -8.37 58.14
CA VAL E 9 -7.81 -9.53 57.49
C VAL E 9 -8.75 -10.75 57.62
N LYS E 10 -9.37 -10.86 58.79
CA LYS E 10 -10.38 -11.86 59.14
C LYS E 10 -11.43 -12.10 58.06
N ASP E 11 -11.97 -11.02 57.53
CA ASP E 11 -13.08 -11.11 56.58
C ASP E 11 -12.72 -11.92 55.33
N PHE E 12 -11.43 -11.99 55.02
CA PHE E 12 -11.00 -12.65 53.78
C PHE E 12 -10.76 -14.15 53.95
N ASN E 13 -10.70 -14.60 55.20
CA ASN E 13 -10.28 -15.97 55.51
C ASN E 13 -10.87 -17.11 54.67
N PRO E 14 -12.21 -17.15 54.50
CA PRO E 14 -12.81 -18.25 53.73
C PRO E 14 -12.27 -18.36 52.30
N TYR E 15 -11.77 -17.28 51.74
CA TYR E 15 -11.41 -17.28 50.33
C TYR E 15 -9.90 -17.38 50.10
N ILE E 16 -9.12 -17.31 51.18
CA ILE E 16 -7.66 -17.31 51.03
C ILE E 16 -6.96 -18.32 51.93
N THR E 17 -7.74 -19.29 52.42
CA THR E 17 -7.18 -20.34 53.28
C THR E 17 -7.30 -21.71 52.62
N CYS E 18 -6.49 -22.64 53.12
CA CYS E 18 -6.34 -23.98 52.57
C CYS E 18 -7.30 -24.96 53.24
N TYR E 19 -8.11 -25.65 52.44
CA TYR E 19 -9.10 -26.58 52.98
C TYR E 19 -8.39 -27.71 53.74
N ILE E 20 -7.20 -28.06 53.28
CA ILE E 20 -6.46 -29.17 53.88
C ILE E 20 -5.85 -28.81 55.23
N CYS E 21 -5.00 -27.79 55.26
CA CYS E 21 -4.21 -27.46 56.47
C CYS E 21 -4.84 -26.36 57.32
N LYS E 22 -5.89 -25.73 56.80
CA LYS E 22 -6.66 -24.69 57.52
C LYS E 22 -5.90 -23.37 57.65
N GLY E 23 -4.65 -23.34 57.17
CA GLY E 23 -3.89 -22.10 57.19
C GLY E 23 -4.06 -21.28 55.92
N TYR E 24 -3.38 -20.15 55.85
CA TYR E 24 -3.33 -19.34 54.62
C TYR E 24 -2.71 -20.11 53.48
N LEU E 25 -3.23 -19.89 52.27
CA LEU E 25 -2.69 -20.52 51.08
C LEU E 25 -1.23 -20.11 50.83
N ILE E 26 -0.31 -21.06 50.99
CA ILE E 26 1.13 -20.83 50.69
C ILE E 26 1.49 -21.52 49.37
N LYS E 27 2.05 -20.75 48.45
CA LYS E 27 2.19 -21.17 47.05
C LYS E 27 0.87 -21.77 46.54
N PRO E 28 -0.19 -20.94 46.51
CA PRO E 28 -1.53 -21.46 46.16
C PRO E 28 -1.47 -22.15 44.81
N THR E 29 -1.98 -23.38 44.81
CA THR E 29 -1.96 -24.26 43.66
C THR E 29 -3.39 -24.73 43.38
N THR E 30 -3.84 -24.62 42.12
CA THR E 30 -5.25 -24.93 41.78
C THR E 30 -5.41 -26.26 41.08
N VAL E 31 -6.38 -27.06 41.53
CA VAL E 31 -6.80 -28.25 40.79
C VAL E 31 -7.79 -27.77 39.73
N THR E 32 -7.36 -27.82 38.47
CA THR E 32 -8.07 -27.07 37.44
C THR E 32 -9.37 -27.71 37.00
N GLU E 33 -9.49 -29.04 37.17
CA GLU E 33 -10.72 -29.72 36.78
C GLU E 33 -11.95 -29.13 37.46
N CYS E 34 -11.83 -28.83 38.75
CA CYS E 34 -12.96 -28.28 39.52
C CYS E 34 -12.63 -26.89 40.06
N LEU E 35 -11.48 -26.37 39.67
CA LEU E 35 -11.04 -25.05 40.11
C LEU E 35 -11.06 -24.85 41.64
N HIS E 36 -10.38 -25.72 42.38
CA HIS E 36 -10.25 -25.53 43.83
C HIS E 36 -8.76 -25.43 44.19
N THR E 37 -8.45 -24.57 45.15
CA THR E 37 -7.07 -24.14 45.38
C THR E 37 -6.63 -24.54 46.79
N PHE E 38 -5.36 -24.95 46.90
CA PHE E 38 -4.77 -25.45 48.16
C PHE E 38 -3.31 -25.01 48.20
N CYS E 39 -2.63 -25.17 49.34
CA CYS E 39 -1.19 -24.95 49.37
C CYS E 39 -0.55 -25.97 48.44
N LYS E 40 0.54 -25.58 47.79
CA LYS E 40 1.28 -26.50 46.93
C LYS E 40 1.64 -27.79 47.67
N THR E 41 2.23 -27.67 48.85
CA THR E 41 2.69 -28.88 49.54
C THR E 41 1.49 -29.74 49.92
N CYS E 42 0.43 -29.09 50.40
CA CYS E 42 -0.77 -29.80 50.82
C CYS E 42 -1.37 -30.65 49.69
N ILE E 43 -1.55 -30.07 48.52
CA ILE E 43 -2.16 -30.81 47.43
C ILE E 43 -1.23 -31.85 46.79
N VAL E 44 0.05 -31.51 46.65
CA VAL E 44 1.01 -32.44 46.06
C VAL E 44 1.10 -33.70 46.92
N GLN E 45 1.17 -33.51 48.23
CA GLN E 45 1.28 -34.67 49.11
C GLN E 45 -0.02 -35.47 49.14
N HIS E 46 -1.16 -34.79 49.07
CA HIS E 46 -2.46 -35.47 48.99
C HIS E 46 -2.51 -36.38 47.77
N PHE E 47 -2.00 -35.89 46.65
CA PHE E 47 -2.09 -36.61 45.39
C PHE E 47 -1.13 -37.79 45.29
N GLU E 48 -0.29 -37.96 46.30
CA GLU E 48 0.55 -39.16 46.37
C GLU E 48 -0.31 -40.39 46.66
N ASP E 49 -1.49 -40.17 47.23
CA ASP E 49 -2.33 -41.29 47.68
C ASP E 49 -3.75 -41.25 47.12
N SER E 50 -4.21 -40.07 46.71
CA SER E 50 -5.56 -39.93 46.17
C SER E 50 -5.54 -39.31 44.79
N ASN E 51 -6.55 -39.64 43.99
CA ASN E 51 -6.72 -39.01 42.70
C ASN E 51 -7.89 -38.03 42.73
N ASP E 52 -8.47 -37.81 43.92
CA ASP E 52 -9.63 -36.94 44.03
CA ASP E 52 -9.62 -36.93 44.02
C ASP E 52 -9.30 -35.62 44.72
N CYS E 53 -9.99 -34.56 44.31
CA CYS E 53 -9.91 -33.28 44.98
C CYS E 53 -10.36 -33.42 46.43
N PRO E 54 -9.53 -32.93 47.36
CA PRO E 54 -9.79 -33.02 48.79
C PRO E 54 -10.99 -32.18 49.22
N ARG E 55 -11.36 -31.17 48.43
CA ARG E 55 -12.51 -30.38 48.83
C ARG E 55 -13.84 -30.94 48.33
N CYS E 56 -13.96 -31.19 47.03
CA CYS E 56 -15.25 -31.60 46.47
C CYS E 56 -15.36 -33.09 46.12
N GLY E 57 -14.23 -33.79 46.18
CA GLY E 57 -14.21 -35.24 45.96
C GLY E 57 -14.12 -35.66 44.51
N ASN E 58 -14.16 -34.69 43.61
CA ASN E 58 -14.15 -34.98 42.18
C ASN E 58 -12.84 -35.62 41.74
N GLN E 59 -12.93 -36.64 40.89
CA GLN E 59 -11.75 -37.35 40.39
C GLN E 59 -11.05 -36.57 39.28
N VAL E 60 -9.72 -36.55 39.32
CA VAL E 60 -8.95 -35.94 38.26
C VAL E 60 -8.55 -36.96 37.18
N GLU E 62 -6.28 -36.63 34.75
CA GLU E 62 -5.47 -37.62 34.05
C GLU E 62 -5.00 -38.67 35.03
N THR E 63 -4.34 -39.71 34.52
CA THR E 63 -3.82 -40.78 35.37
C THR E 63 -2.82 -40.21 36.38
N ASN E 64 -2.10 -39.17 35.95
CA ASN E 64 -1.25 -38.42 36.86
C ASN E 64 -1.96 -37.12 37.24
N PRO E 65 -2.40 -37.02 38.51
CA PRO E 65 -3.16 -35.86 38.98
C PRO E 65 -2.36 -34.56 39.05
N LEU E 66 -1.04 -34.66 39.10
CA LEU E 66 -0.18 -33.48 39.12
C LEU E 66 -0.29 -32.75 37.80
N GLU E 67 -0.62 -33.48 36.75
CA GLU E 67 -0.71 -32.94 35.41
C GLU E 67 -1.76 -31.82 35.32
N MET E 68 -2.69 -31.80 36.26
CA MET E 68 -3.77 -30.82 36.22
C MET E 68 -3.63 -29.74 37.29
N LEU E 69 -2.46 -29.64 37.89
CA LEU E 69 -2.20 -28.58 38.85
C LEU E 69 -1.58 -27.36 38.15
N ARG E 70 -2.00 -26.16 38.57
CA ARG E 70 -1.37 -24.93 38.11
C ARG E 70 -1.15 -23.99 39.30
N LEU E 71 0.03 -23.37 39.36
CA LEU E 71 0.33 -22.33 40.35
C LEU E 71 -0.54 -21.12 40.06
N ASP E 72 -1.20 -20.59 41.09
CA ASP E 72 -2.04 -19.39 40.99
C ASP E 72 -1.24 -18.18 41.47
N ASN E 73 -0.41 -17.62 40.59
CA ASN E 73 0.46 -16.51 40.96
C ASN E 73 -0.33 -15.27 41.36
N THR E 74 -1.46 -15.06 40.68
CA THR E 74 -2.31 -13.90 40.92
C THR E 74 -2.90 -13.93 42.31
N LEU E 75 -3.44 -15.09 42.71
CA LEU E 75 -3.99 -15.23 44.06
C LEU E 75 -2.90 -15.09 45.12
N GLU E 76 -1.73 -15.64 44.83
CA GLU E 76 -0.60 -15.46 45.74
C GLU E 76 -0.29 -13.98 45.98
N GLU E 77 -0.16 -13.20 44.91
CA GLU E 77 0.12 -11.75 45.05
C GLU E 77 -0.98 -11.06 45.85
N ILE E 78 -2.24 -11.42 45.61
CA ILE E 78 -3.36 -10.85 46.39
C ILE E 78 -3.22 -11.18 47.88
N ILE E 79 -2.97 -12.45 48.17
CA ILE E 79 -2.85 -12.89 49.57
C ILE E 79 -1.72 -12.17 50.31
N PHE E 80 -0.57 -12.06 49.65
CA PHE E 80 0.58 -11.37 50.23
C PHE E 80 0.27 -9.90 50.52
N LYS E 81 -0.63 -9.33 49.73
CA LYS E 81 -1.04 -7.94 49.94
C LYS E 81 -2.08 -7.79 51.05
N LEU E 82 -2.99 -8.75 51.16
CA LEU E 82 -4.02 -8.68 52.20
C LEU E 82 -3.54 -9.06 53.59
N VAL E 83 -2.65 -10.04 53.66
CA VAL E 83 -2.14 -10.50 54.96
C VAL E 83 -0.79 -9.85 55.24
N PRO E 84 -0.79 -8.83 56.12
CA PRO E 84 0.40 -8.06 56.49
C PRO E 84 1.53 -8.97 56.97
N GLY E 85 2.69 -8.88 56.34
CA GLY E 85 3.88 -9.59 56.80
C GLY E 85 3.95 -11.08 56.52
N LEU E 86 2.99 -11.61 55.77
CA LEU E 86 2.93 -13.05 55.51
C LEU E 86 4.13 -13.53 54.69
N ARG E 87 4.47 -12.78 53.64
CA ARG E 87 5.56 -13.16 52.75
C ARG E 87 6.88 -13.25 53.51
N GLU E 88 7.15 -12.23 54.34
CA GLU E 88 8.36 -12.16 55.14
C GLU E 88 8.40 -13.28 56.19
N GLN E 89 7.26 -13.57 56.80
CA GLN E 89 7.20 -14.63 57.80
C GLN E 89 7.48 -16.00 57.20
N GLU E 90 6.91 -16.27 56.03
CA GLU E 90 7.14 -17.55 55.39
C GLU E 90 8.61 -17.69 54.96
N LEU E 91 9.23 -16.59 54.51
CA LEU E 91 10.68 -16.62 54.25
C LEU E 91 11.53 -16.80 55.51
N GLU E 92 11.11 -16.20 56.61
CA GLU E 92 11.85 -16.33 57.86
C GLU E 92 11.79 -17.78 58.34
N ARG E 93 10.61 -18.39 58.24
CA ARG E 93 10.47 -19.81 58.59
C ARG E 93 11.43 -20.69 57.80
N GLU E 94 11.53 -20.43 56.50
CA GLU E 94 12.39 -21.23 55.66
C GLU E 94 13.85 -20.97 55.99
N SER E 95 14.19 -19.71 56.24
CA SER E 95 15.56 -19.35 56.61
C SER E 95 16.00 -20.07 57.89
N GLU E 96 15.13 -20.09 58.88
CA GLU E 96 15.43 -20.77 60.14
C GLU E 96 15.63 -22.26 59.91
N PHE E 97 14.78 -22.85 59.07
CA PHE E 97 14.91 -24.26 58.75
C PHE E 97 16.30 -24.58 58.21
N TRP E 98 16.69 -23.88 57.14
CA TRP E 98 17.93 -24.18 56.44
C TRP E 98 19.16 -24.06 57.33
N LYS E 99 19.17 -23.05 58.20
CA LYS E 99 20.29 -22.88 59.12
C LYS E 99 20.16 -23.77 60.36
N LYS E 100 19.36 -24.82 60.25
CA LYS E 100 19.32 -25.89 61.24
C LYS E 100 19.67 -27.19 60.54
N ASN E 101 19.63 -27.14 59.21
CA ASN E 101 19.88 -28.32 58.38
C ASN E 101 21.30 -28.36 57.79
N LEU F 8 16.34 34.43 -40.75
CA LEU F 8 15.68 35.01 -41.93
C LEU F 8 14.69 34.03 -42.59
N VAL F 9 13.41 34.38 -42.54
CA VAL F 9 12.34 33.52 -43.03
C VAL F 9 12.59 33.09 -44.49
N LYS F 10 13.21 33.99 -45.26
CA LYS F 10 13.58 33.74 -46.65
C LYS F 10 14.44 32.49 -46.85
N ASP F 11 15.33 32.22 -45.89
CA ASP F 11 16.26 31.09 -45.97
C ASP F 11 15.60 29.71 -45.96
N PHE F 12 14.37 29.63 -45.50
CA PHE F 12 13.67 28.34 -45.46
C PHE F 12 12.89 28.04 -46.72
N ASN F 13 12.78 29.03 -47.60
CA ASN F 13 11.91 28.88 -48.77
C ASN F 13 12.00 27.53 -49.52
N PRO F 14 13.22 27.06 -49.85
CA PRO F 14 13.30 25.81 -50.62
C PRO F 14 12.62 24.60 -49.96
N TYR F 15 12.55 24.58 -48.64
CA TYR F 15 12.06 23.39 -47.97
C TYR F 15 10.59 23.53 -47.62
N ILE F 16 10.04 24.74 -47.82
CA ILE F 16 8.66 25.01 -47.45
C ILE F 16 7.80 25.62 -48.57
N THR F 17 8.29 25.57 -49.81
CA THR F 17 7.49 26.06 -50.92
C THR F 17 7.09 24.96 -51.89
N CYS F 18 6.07 25.26 -52.68
CA CYS F 18 5.49 24.32 -53.65
C CYS F 18 6.19 24.37 -54.99
N TYR F 19 6.63 23.21 -55.48
CA TYR F 19 7.37 23.15 -56.76
C TYR F 19 6.47 23.56 -57.92
N ILE F 20 5.16 23.42 -57.73
CA ILE F 20 4.21 23.71 -58.81
C ILE F 20 3.87 25.19 -58.89
N CYS F 21 3.43 25.79 -57.79
CA CYS F 21 2.95 27.19 -57.83
C CYS F 21 3.99 28.19 -57.32
N LYS F 22 5.08 27.67 -56.75
CA LYS F 22 6.19 28.46 -56.21
C LYS F 22 5.83 29.29 -54.97
N GLY F 23 4.63 29.10 -54.45
CA GLY F 23 4.27 29.77 -53.21
C GLY F 23 4.52 28.90 -52.00
N TYR F 24 4.19 29.39 -50.79
CA TYR F 24 4.27 28.52 -49.62
C TYR F 24 3.39 27.30 -49.79
N LEU F 25 3.83 26.18 -49.21
CA LEU F 25 3.02 24.96 -49.20
C LEU F 25 1.75 25.23 -48.42
N ILE F 26 0.59 25.08 -49.06
CA ILE F 26 -0.71 25.28 -48.39
C ILE F 26 -1.47 23.93 -48.36
N LYS F 27 -1.89 23.49 -47.18
CA LYS F 27 -2.28 22.09 -46.98
C LYS F 27 -1.30 21.10 -47.63
N PRO F 28 -0.04 21.09 -47.16
CA PRO F 28 0.96 20.23 -47.80
C PRO F 28 0.51 18.78 -47.89
N THR F 29 0.72 18.23 -49.09
CA THR F 29 0.22 16.92 -49.45
C THR F 29 1.36 16.18 -50.13
N THR F 30 1.64 14.98 -49.64
CA THR F 30 2.82 14.22 -50.06
C THR F 30 2.46 13.04 -50.96
N VAL F 31 3.19 12.91 -52.07
CA VAL F 31 3.11 11.72 -52.91
C VAL F 31 3.96 10.68 -52.22
N THR F 32 3.35 9.63 -51.69
CA THR F 32 4.06 8.74 -50.78
C THR F 32 5.16 7.90 -51.40
N GLU F 33 5.04 7.57 -52.68
CA GLU F 33 6.02 6.68 -53.32
C GLU F 33 7.42 7.30 -53.43
N CYS F 34 7.49 8.62 -53.62
CA CYS F 34 8.77 9.29 -53.76
C CYS F 34 8.96 10.37 -52.68
N LEU F 35 7.97 10.53 -51.81
CA LEU F 35 8.01 11.50 -50.72
C LEU F 35 8.28 12.94 -51.17
N HIS F 36 7.58 13.39 -52.20
CA HIS F 36 7.64 14.79 -52.62
C HIS F 36 6.33 15.47 -52.27
N THR F 37 6.40 16.72 -51.82
CA THR F 37 5.25 17.38 -51.22
C THR F 37 4.88 18.65 -52.00
N PHE F 38 3.58 18.90 -52.11
CA PHE F 38 3.03 20.05 -52.85
C PHE F 38 1.80 20.57 -52.14
N CYS F 39 1.28 21.73 -52.56
CA CYS F 39 -0.01 22.18 -52.04
C CYS F 39 -1.03 21.11 -52.38
N LYS F 40 -2.02 20.90 -51.52
CA LYS F 40 -3.09 19.97 -51.84
C LYS F 40 -3.74 20.28 -53.21
N THR F 41 -4.16 21.52 -53.41
CA THR F 41 -4.83 21.86 -54.68
C THR F 41 -3.91 21.62 -55.88
N CYS F 42 -2.64 22.01 -55.74
CA CYS F 42 -1.68 21.86 -56.82
C CYS F 42 -1.51 20.40 -57.27
N ILE F 43 -1.31 19.49 -56.32
CA ILE F 43 -1.08 18.08 -56.68
C ILE F 43 -2.37 17.37 -57.09
N VAL F 44 -3.49 17.68 -56.42
CA VAL F 44 -4.76 17.07 -56.81
C VAL F 44 -5.10 17.45 -58.25
N GLN F 45 -4.96 18.73 -58.57
CA GLN F 45 -5.30 19.17 -59.92
C GLN F 45 -4.33 18.66 -60.98
N HIS F 46 -3.06 18.57 -60.61
CA HIS F 46 -2.06 17.97 -61.50
C HIS F 46 -2.45 16.54 -61.85
N PHE F 47 -2.90 15.79 -60.84
CA PHE F 47 -3.21 14.38 -61.02
C PHE F 47 -4.47 14.14 -61.85
N GLU F 48 -5.24 15.20 -62.09
CA GLU F 48 -6.43 15.09 -62.91
C GLU F 48 -6.14 14.69 -64.35
N ASP F 49 -4.92 14.91 -64.81
CA ASP F 49 -4.55 14.43 -66.15
C ASP F 49 -3.08 14.04 -66.26
N SER F 50 -2.55 13.48 -65.18
CA SER F 50 -1.21 12.94 -65.18
C SER F 50 -1.08 11.93 -64.04
N ASN F 51 -0.18 10.97 -64.18
CA ASN F 51 0.11 10.04 -63.10
C ASN F 51 1.52 10.22 -62.54
N ASP F 52 2.26 11.17 -63.09
CA ASP F 52 3.66 11.38 -62.71
C ASP F 52 3.82 12.42 -61.60
N CYS F 53 4.71 12.17 -60.64
CA CYS F 53 5.08 13.21 -59.70
C CYS F 53 5.63 14.39 -60.52
N PRO F 54 5.14 15.61 -60.25
CA PRO F 54 5.58 16.77 -61.02
C PRO F 54 7.04 17.10 -60.77
N ARG F 55 7.59 16.71 -59.62
CA ARG F 55 8.99 17.03 -59.35
C ARG F 55 9.98 16.02 -59.94
N CYS F 56 9.75 14.73 -59.71
CA CYS F 56 10.73 13.72 -60.09
C CYS F 56 10.26 12.80 -61.23
N GLY F 57 9.03 12.97 -61.66
CA GLY F 57 8.52 12.21 -62.79
C GLY F 57 8.19 10.75 -62.49
N ASN F 58 8.40 10.31 -61.26
CA ASN F 58 8.01 8.95 -60.87
C ASN F 58 6.52 8.73 -61.06
N GLN F 59 6.15 7.68 -61.80
CA GLN F 59 4.75 7.39 -62.10
C GLN F 59 4.09 6.61 -60.95
N VAL F 60 2.96 7.13 -60.48
CA VAL F 60 2.16 6.39 -59.50
C VAL F 60 1.48 5.19 -60.17
N HIS F 61 1.53 4.03 -59.52
CA HIS F 61 1.06 2.80 -60.15
C HIS F 61 -0.44 2.51 -60.06
N GLU F 62 -1.15 3.26 -59.22
CA GLU F 62 -2.59 3.01 -59.07
C GLU F 62 -3.41 3.70 -60.17
N THR F 63 -4.57 3.12 -60.49
CA THR F 63 -5.48 3.75 -61.45
C THR F 63 -5.98 5.09 -60.97
N ASN F 64 -6.21 5.19 -59.67
CA ASN F 64 -6.59 6.45 -59.05
C ASN F 64 -5.39 6.94 -58.21
N PRO F 65 -4.58 7.85 -58.78
CA PRO F 65 -3.38 8.41 -58.16
C PRO F 65 -3.63 9.06 -56.81
N LEU F 66 -4.87 9.44 -56.52
CA LEU F 66 -5.21 10.03 -55.23
C LEU F 66 -4.99 9.05 -54.08
N GLU F 67 -5.04 7.75 -54.39
CA GLU F 67 -4.81 6.73 -53.39
C GLU F 67 -3.42 6.89 -52.72
N MET F 68 -2.47 7.45 -53.45
CA MET F 68 -1.11 7.57 -52.97
C MET F 68 -0.79 8.95 -52.38
N LEU F 69 -1.83 9.71 -52.02
CA LEU F 69 -1.61 11.02 -51.42
C LEU F 69 -1.87 10.94 -49.93
N ARG F 70 -1.06 11.66 -49.15
CA ARG F 70 -1.33 11.83 -47.72
C ARG F 70 -1.11 13.28 -47.29
N LEU F 71 -2.03 13.83 -46.49
CA LEU F 71 -1.81 15.17 -45.92
C LEU F 71 -0.66 15.16 -44.92
N ASP F 72 0.29 16.09 -45.07
CA ASP F 72 1.43 16.12 -44.17
C ASP F 72 1.18 17.14 -43.05
N ASN F 73 0.48 16.69 -42.01
CA ASN F 73 0.09 17.59 -40.93
C ASN F 73 1.28 18.15 -40.15
N THR F 74 2.30 17.31 -39.94
CA THR F 74 3.50 17.74 -39.23
C THR F 74 4.15 18.90 -39.99
N LEU F 75 4.31 18.74 -41.30
CA LEU F 75 4.92 19.80 -42.11
C LEU F 75 4.10 21.09 -42.09
N GLU F 76 2.78 20.98 -42.15
CA GLU F 76 1.93 22.17 -42.05
C GLU F 76 2.20 22.93 -40.74
N GLU F 77 2.26 22.20 -39.63
CA GLU F 77 2.51 22.83 -38.33
C GLU F 77 3.89 23.52 -38.27
N ILE F 78 4.89 22.90 -38.88
CA ILE F 78 6.24 23.49 -38.93
C ILE F 78 6.19 24.78 -39.76
N ILE F 79 5.53 24.70 -40.91
CA ILE F 79 5.42 25.85 -41.78
C ILE F 79 4.67 27.00 -41.07
N PHE F 80 3.61 26.69 -40.33
CA PHE F 80 2.88 27.75 -39.62
C PHE F 80 3.73 28.44 -38.56
N LYS F 81 4.66 27.70 -37.95
CA LYS F 81 5.57 28.26 -36.95
C LYS F 81 6.74 29.01 -37.57
N LEU F 82 7.16 28.59 -38.75
CA LEU F 82 8.28 29.25 -39.43
C LEU F 82 7.83 30.53 -40.12
N VAL F 83 6.57 30.55 -40.57
CA VAL F 83 6.01 31.70 -41.24
C VAL F 83 4.85 32.24 -40.43
N PRO F 84 5.14 33.00 -39.36
CA PRO F 84 4.03 33.50 -38.53
C PRO F 84 3.06 34.36 -39.35
N GLY F 85 1.77 34.22 -39.09
CA GLY F 85 0.77 34.96 -39.83
C GLY F 85 0.24 34.23 -41.07
N LEU F 86 0.97 33.25 -41.56
CA LEU F 86 0.54 32.52 -42.78
C LEU F 86 -0.82 31.87 -42.61
N ARG F 87 -1.02 31.20 -41.49
N ARG F 87 -1.03 31.18 -41.49
CA ARG F 87 -2.26 30.49 -41.20
CA ARG F 87 -2.30 30.49 -41.27
C ARG F 87 -3.44 31.47 -41.31
C ARG F 87 -3.45 31.49 -41.36
N GLU F 88 -3.30 32.62 -40.67
CA GLU F 88 -4.29 33.68 -40.72
C GLU F 88 -4.46 34.32 -42.12
N GLN F 89 -3.36 34.51 -42.85
CA GLN F 89 -3.46 35.08 -44.20
C GLN F 89 -4.26 34.18 -45.18
N GLU F 90 -4.11 32.87 -45.06
CA GLU F 90 -4.80 31.96 -45.96
C GLU F 90 -6.29 31.86 -45.58
N LEU F 91 -6.58 31.91 -44.28
CA LEU F 91 -7.98 31.97 -43.83
C LEU F 91 -8.62 33.27 -44.32
N GLU F 92 -7.88 34.38 -44.23
CA GLU F 92 -8.40 35.64 -44.77
C GLU F 92 -8.63 35.60 -46.30
N ARG F 93 -7.66 35.05 -47.02
CA ARG F 93 -7.79 34.84 -48.46
C ARG F 93 -9.05 34.05 -48.78
N GLU F 94 -9.27 32.95 -48.07
CA GLU F 94 -10.49 32.19 -48.29
C GLU F 94 -11.75 32.99 -47.95
N SER F 95 -11.72 33.74 -46.86
CA SER F 95 -12.87 34.56 -46.46
CA SER F 95 -12.86 34.57 -46.46
C SER F 95 -13.23 35.60 -47.52
N GLU F 96 -12.23 36.19 -48.16
CA GLU F 96 -12.47 37.18 -49.21
C GLU F 96 -13.20 36.54 -50.41
N PHE F 97 -12.77 35.34 -50.77
CA PHE F 97 -13.45 34.60 -51.84
C PHE F 97 -14.93 34.37 -51.52
N TRP F 98 -15.22 33.80 -50.34
CA TRP F 98 -16.61 33.49 -50.01
C TRP F 98 -17.48 34.75 -49.89
N LYS F 99 -16.91 35.83 -49.36
CA LYS F 99 -17.64 37.09 -49.19
C LYS F 99 -18.03 37.67 -50.55
N LYS F 100 -17.14 37.47 -51.53
CA LYS F 100 -17.38 37.92 -52.90
C LYS F 100 -18.33 36.96 -53.63
N ASN F 101 -18.41 35.72 -53.17
CA ASN F 101 -19.25 34.72 -53.81
C ASN F 101 -20.14 33.95 -52.83
N LYS F 102 -21.19 34.63 -52.34
CA LYS F 102 -22.11 34.11 -51.32
C LYS F 102 -22.95 35.24 -50.77
#